data_3GHB
#
_entry.id   3GHB
#
_cell.length_a   70.273
_cell.length_b   76.214
_cell.length_c   113.915
_cell.angle_alpha   90.000
_cell.angle_beta   101.250
_cell.angle_gamma   90.000
#
_symmetry.space_group_name_H-M   'P 1 21 1'
#
loop_
_entity.id
_entity.type
_entity.pdbx_description
1 polymer 'Fab 447-52D, light chain'
2 polymer 'Fab 447-52D, heavy chain'
3 polymer 'Envelope glycoprotein'
4 non-polymer 'SULFATE ION'
5 water water
#
loop_
_entity_poly.entity_id
_entity_poly.type
_entity_poly.pdbx_seq_one_letter_code
_entity_poly.pdbx_strand_id
1 'polypeptide(L)'
;QSVLTQPPSVSAAPGQKVTISCSGSSSNIGNNYVLWYQQFPGTAPKLLIYGNNKRPSGIPDRFSGSKSGTSATLGITGLQ
TGDEADYFCATWDSGLSADWVFGGGTKLTVLSQPKAAPSVTLFPPSSEELQANKATLVCLISDFYPGAVTVAWKADSSPV
KAGVETTTPSKQSNNKYAASSYLSLTPEQWKSHRSYSCQVTHEGSTVEKTVAPTEC
;
L,M
2 'polypeptide(L)'
;EVQLVESGGGLVKPGGSLRLTCVASGFTFSDVWLNWVRQAPGKGLEWVGRIKSRTDGGTTDYAASVKGRFTISRDDSKNT
LYLQMNSLKTEDTAVYSCTTDGFIMIRGVSEDYYYYYMDVWGKGTTVTVSSASTKGPSVFPLAPCSRSTSGGTAALGCLV
KDYFPEPVTVSWNSGALTSGVHTFPAVLQSSGLYSLSSVVTVPSSSLGTQTYTCNVNHKPSNTKVDKRVELKTPT
;
H,I
3 'polypeptide(L)' KGVRIGPGQA P,Q
#
loop_
_chem_comp.id
_chem_comp.type
_chem_comp.name
_chem_comp.formula
SO4 non-polymer 'SULFATE ION' 'O4 S -2'
#
# COMPACT_ATOMS: atom_id res chain seq x y z
N GLN A 1 30.27 9.70 -9.97
CA GLN A 1 29.48 10.21 -11.12
C GLN A 1 29.82 11.66 -11.47
N SER A 2 30.57 12.32 -10.59
CA SER A 2 31.00 13.69 -10.84
C SER A 2 32.14 13.64 -11.86
N VAL A 3 32.28 14.70 -12.64
CA VAL A 3 33.33 14.75 -13.65
C VAL A 3 34.71 14.64 -13.00
N LEU A 4 34.89 15.37 -11.91
CA LEU A 4 36.14 15.36 -11.17
C LEU A 4 35.87 14.52 -9.91
N THR A 5 36.79 13.65 -9.56
CA THR A 5 36.61 12.78 -8.39
C THR A 5 37.34 13.24 -7.13
N GLN A 6 36.60 13.36 -6.04
CA GLN A 6 37.16 13.79 -4.76
C GLN A 6 36.72 12.81 -3.68
N PRO A 7 37.53 12.63 -2.64
CA PRO A 7 37.11 11.72 -1.57
C PRO A 7 35.92 12.40 -0.91
N PRO A 8 34.90 11.63 -0.48
CA PRO A 8 33.71 12.19 0.16
C PRO A 8 33.99 13.01 1.42
N SER A 9 35.00 12.61 2.18
CA SER A 9 35.30 13.32 3.41
C SER A 9 36.73 13.11 3.88
N VAL A 10 37.18 14.02 4.73
CA VAL A 10 38.50 13.97 5.30
C VAL A 10 38.42 14.65 6.66
N SER A 11 39.34 14.31 7.57
CA SER A 11 39.31 14.92 8.89
C SER A 11 40.67 14.90 9.56
N ALA A 12 40.82 15.75 10.57
CA ALA A 12 42.04 15.86 11.35
C ALA A 12 41.79 16.83 12.49
N ALA A 13 42.65 16.83 13.50
CA ALA A 13 42.48 17.72 14.65
C ALA A 13 43.02 19.11 14.36
N PRO A 14 42.67 20.08 15.22
CA PRO A 14 43.15 21.45 15.03
C PRO A 14 44.67 21.46 15.05
N GLY A 15 45.28 22.34 14.27
CA GLY A 15 46.74 22.41 14.24
C GLY A 15 47.39 21.41 13.31
N GLN A 16 46.63 20.41 12.86
CA GLN A 16 47.16 19.39 11.96
C GLN A 16 47.04 19.86 10.51
N LYS A 17 47.33 18.95 9.58
CA LYS A 17 47.25 19.27 8.15
C LYS A 17 46.50 18.16 7.41
N VAL A 18 45.92 18.52 6.27
CA VAL A 18 45.20 17.55 5.44
C VAL A 18 45.37 17.95 3.98
N THR A 19 45.17 16.99 3.09
CA THR A 19 45.24 17.25 1.66
C THR A 19 43.96 16.66 1.09
N ILE A 20 43.42 17.32 0.08
CA ILE A 20 42.20 16.88 -0.55
C ILE A 20 42.50 16.72 -2.04
N SER A 21 42.41 15.50 -2.53
CA SER A 21 42.70 15.19 -3.92
C SER A 21 41.53 15.40 -4.87
N CYS A 22 41.85 15.72 -6.11
CA CYS A 22 40.86 15.94 -7.15
C CYS A 22 41.39 15.29 -8.42
N SER A 23 40.78 14.19 -8.82
CA SER A 23 41.20 13.44 -10.01
C SER A 23 40.32 13.69 -11.24
N GLY A 24 40.97 13.97 -12.37
CA GLY A 24 40.24 14.23 -13.60
C GLY A 24 40.86 13.55 -14.82
N SER A 25 40.78 14.20 -15.97
CA SER A 25 41.34 13.65 -17.20
C SER A 25 42.14 14.72 -17.93
N SER A 26 42.68 14.37 -19.09
CA SER A 26 43.46 15.31 -19.90
C SER A 26 42.58 16.44 -20.40
N SER A 27 41.33 16.11 -20.74
CA SER A 27 40.39 17.09 -21.25
C SER A 27 39.91 18.15 -20.25
N ASN A 28 40.15 17.96 -18.96
CA ASN A 28 39.77 18.99 -17.99
C ASN A 28 40.98 19.46 -17.20
N ILE A 29 41.28 18.82 -16.07
CA ILE A 29 42.44 19.20 -15.26
C ILE A 29 43.74 19.21 -16.08
N GLY A 30 43.91 18.18 -16.92
CA GLY A 30 45.11 18.07 -17.74
C GLY A 30 45.42 19.25 -18.65
N ASN A 31 44.42 19.81 -19.32
CA ASN A 31 44.67 20.95 -20.21
C ASN A 31 44.44 22.32 -19.59
N ASN A 32 43.64 22.39 -18.53
CA ASN A 32 43.33 23.69 -17.98
C ASN A 32 43.72 23.98 -16.54
N TYR A 33 43.30 25.14 -16.04
CA TYR A 33 43.64 25.55 -14.68
C TYR A 33 42.61 25.16 -13.63
N VAL A 34 43.12 24.75 -12.47
CA VAL A 34 42.27 24.32 -11.38
C VAL A 34 41.92 25.40 -10.38
N LEU A 35 40.66 25.37 -9.93
CA LEU A 35 40.14 26.29 -8.93
C LEU A 35 39.65 25.44 -7.76
N TRP A 36 39.66 26.02 -6.58
CA TRP A 36 39.17 25.32 -5.40
C TRP A 36 38.25 26.28 -4.69
N TYR A 37 37.14 25.74 -4.18
CA TYR A 37 36.16 26.55 -3.48
C TYR A 37 35.90 26.00 -2.08
N GLN A 38 35.56 26.90 -1.17
CA GLN A 38 35.23 26.53 0.19
C GLN A 38 33.76 26.92 0.34
N GLN A 39 32.96 26.06 0.92
CA GLN A 39 31.55 26.41 1.08
C GLN A 39 30.98 25.99 2.42
N PHE A 40 30.35 26.95 3.09
CA PHE A 40 29.70 26.75 4.38
C PHE A 40 28.20 26.59 4.10
N PRO A 41 27.48 25.91 5.01
CA PRO A 41 26.03 25.69 4.85
C PRO A 41 25.23 26.97 4.60
N GLY A 42 24.35 26.91 3.61
CA GLY A 42 23.51 28.05 3.28
C GLY A 42 24.27 29.29 2.84
N THR A 43 25.48 29.11 2.34
CA THR A 43 26.29 30.24 1.92
C THR A 43 26.91 29.98 0.54
N ALA A 44 27.14 31.05 -0.22
CA ALA A 44 27.72 30.90 -1.55
C ALA A 44 29.17 30.42 -1.50
N PRO A 45 29.59 29.66 -2.52
CA PRO A 45 30.96 29.16 -2.57
C PRO A 45 31.97 30.32 -2.58
N LYS A 46 33.09 30.13 -1.89
CA LYS A 46 34.14 31.15 -1.83
C LYS A 46 35.42 30.65 -2.49
N LEU A 47 35.97 31.45 -3.39
CA LEU A 47 37.18 31.10 -4.11
C LEU A 47 38.37 31.02 -3.16
N LEU A 48 39.03 29.86 -3.14
CA LEU A 48 40.20 29.62 -2.29
C LEU A 48 41.48 29.65 -3.12
N ILE A 49 41.43 29.01 -4.27
CA ILE A 49 42.58 28.89 -5.14
C ILE A 49 42.18 29.05 -6.62
N TYR A 50 43.02 29.73 -7.39
CA TYR A 50 42.76 29.88 -8.82
C TYR A 50 44.11 29.73 -9.53
N GLY A 51 44.09 29.40 -10.81
CA GLY A 51 45.34 29.23 -11.54
C GLY A 51 46.20 28.12 -10.95
N ASN A 52 45.56 27.05 -10.50
CA ASN A 52 46.25 25.90 -9.90
C ASN A 52 46.77 26.14 -8.50
N ASN A 53 47.45 27.25 -8.29
CA ASN A 53 48.05 27.51 -6.98
C ASN A 53 48.05 28.96 -6.49
N LYS A 54 47.23 29.81 -7.06
CA LYS A 54 47.20 31.19 -6.61
C LYS A 54 46.08 31.44 -5.61
N ARG A 55 46.38 32.22 -4.58
CA ARG A 55 45.42 32.55 -3.55
C ARG A 55 44.88 33.96 -3.72
N PRO A 56 43.55 34.12 -3.64
CA PRO A 56 42.98 35.46 -3.80
C PRO A 56 43.37 36.19 -2.51
N SER A 57 43.31 37.52 -2.54
CA SER A 57 43.65 38.30 -1.35
C SER A 57 42.67 37.91 -0.24
N GLY A 58 43.18 37.74 0.97
CA GLY A 58 42.31 37.37 2.08
C GLY A 58 42.50 35.91 2.49
N ILE A 59 42.92 35.08 1.54
CA ILE A 59 43.14 33.66 1.83
C ILE A 59 44.57 33.51 2.33
N PRO A 60 44.75 33.11 3.59
CA PRO A 60 46.09 32.93 4.17
C PRO A 60 46.90 31.78 3.54
N ASP A 61 48.23 31.87 3.63
CA ASP A 61 49.07 30.84 3.03
C ASP A 61 48.94 29.43 3.61
N ARG A 62 48.03 29.24 4.57
CA ARG A 62 47.80 27.90 5.13
C ARG A 62 47.16 27.10 3.99
N PHE A 63 46.49 27.81 3.10
CA PHE A 63 45.84 27.17 1.97
C PHE A 63 46.79 27.18 0.78
N SER A 64 46.94 26.01 0.16
CA SER A 64 47.81 25.91 -0.99
C SER A 64 47.23 24.90 -1.97
N GLY A 65 47.59 25.06 -3.24
CA GLY A 65 47.10 24.16 -4.25
C GLY A 65 48.23 23.78 -5.17
N SER A 66 48.08 22.65 -5.85
CA SER A 66 49.08 22.20 -6.79
C SER A 66 48.37 21.32 -7.80
N LYS A 67 48.95 21.22 -8.99
CA LYS A 67 48.38 20.42 -10.05
C LYS A 67 49.48 19.55 -10.62
N SER A 68 49.16 18.28 -10.88
CA SER A 68 50.14 17.36 -11.45
C SER A 68 49.48 16.35 -12.38
N GLY A 69 49.74 16.49 -13.69
CA GLY A 69 49.15 15.58 -14.64
C GLY A 69 47.65 15.82 -14.76
N THR A 70 46.84 14.81 -14.48
CA THR A 70 45.40 14.96 -14.56
C THR A 70 44.75 15.06 -13.17
N SER A 71 45.52 15.45 -12.18
CA SER A 71 45.01 15.58 -10.82
C SER A 71 45.51 16.87 -10.16
N ALA A 72 44.77 17.33 -9.15
CA ALA A 72 45.13 18.52 -8.42
C ALA A 72 44.96 18.25 -6.94
N THR A 73 45.59 19.06 -6.11
CA THR A 73 45.50 18.87 -4.67
C THR A 73 45.38 20.18 -3.91
N LEU A 74 44.59 20.15 -2.84
CA LEU A 74 44.39 21.31 -1.99
C LEU A 74 45.01 20.94 -0.65
N GLY A 75 45.95 21.76 -0.18
CA GLY A 75 46.56 21.48 1.10
C GLY A 75 46.12 22.54 2.11
N ILE A 76 45.86 22.12 3.33
CA ILE A 76 45.48 23.05 4.39
C ILE A 76 46.28 22.70 5.63
N THR A 77 47.10 23.62 6.11
CA THR A 77 47.89 23.38 7.32
C THR A 77 47.36 24.23 8.48
N GLY A 78 47.81 23.93 9.70
CA GLY A 78 47.37 24.67 10.87
C GLY A 78 45.86 24.71 11.00
N LEU A 79 45.20 23.57 10.83
CA LEU A 79 43.75 23.48 10.89
C LEU A 79 43.08 24.28 12.01
N GLN A 80 42.07 25.04 11.61
CA GLN A 80 41.26 25.87 12.49
C GLN A 80 39.85 25.30 12.46
N THR A 81 39.17 25.25 13.61
CA THR A 81 37.81 24.72 13.64
C THR A 81 36.95 25.48 12.63
N GLY A 82 37.36 26.70 12.33
CA GLY A 82 36.64 27.49 11.35
C GLY A 82 36.78 26.96 9.92
N ASP A 83 37.67 25.99 9.72
CA ASP A 83 37.87 25.43 8.38
C ASP A 83 36.87 24.30 8.07
N GLU A 84 36.15 23.82 9.08
CA GLU A 84 35.19 22.74 8.87
C GLU A 84 34.17 23.22 7.84
N ALA A 85 34.20 22.60 6.67
CA ALA A 85 33.32 22.99 5.60
C ALA A 85 33.47 22.04 4.43
N ASP A 86 32.81 22.37 3.32
CA ASP A 86 32.92 21.56 2.13
C ASP A 86 33.88 22.24 1.17
N TYR A 87 34.68 21.43 0.48
CA TYR A 87 35.64 21.95 -0.49
C TYR A 87 35.48 21.22 -1.81
N PHE A 88 35.40 21.98 -2.91
CA PHE A 88 35.30 21.34 -4.19
C PHE A 88 36.19 21.98 -5.23
N CYS A 89 36.72 21.14 -6.11
CA CYS A 89 37.58 21.61 -7.19
C CYS A 89 36.75 21.90 -8.41
N ALA A 90 37.32 22.66 -9.33
CA ALA A 90 36.64 23.02 -10.54
C ALA A 90 37.63 23.47 -11.61
N THR A 91 37.26 23.26 -12.87
CA THR A 91 38.06 23.69 -14.00
C THR A 91 37.10 23.67 -15.18
N TRP A 92 37.59 23.73 -16.41
CA TRP A 92 36.67 23.66 -17.54
C TRP A 92 37.07 22.55 -18.50
N ASP A 93 36.11 22.13 -19.32
CA ASP A 93 36.32 21.04 -20.28
C ASP A 93 36.87 21.61 -21.58
N SER A 94 37.65 20.81 -22.29
CA SER A 94 38.24 21.23 -23.56
C SER A 94 37.31 20.91 -24.73
N GLY A 95 36.11 20.46 -24.40
CA GLY A 95 35.13 20.10 -25.42
C GLY A 95 34.48 21.26 -26.14
N LEU A 96 33.57 20.92 -27.05
CA LEU A 96 32.87 21.91 -27.86
C LEU A 96 32.05 22.94 -27.09
N SER A 97 31.65 22.60 -25.87
CA SER A 97 30.85 23.54 -25.08
C SER A 97 31.61 24.20 -23.94
N ALA A 98 32.87 23.80 -23.77
CA ALA A 98 33.73 24.38 -22.73
C ALA A 98 33.00 24.50 -21.40
N ASP A 99 32.45 23.38 -20.95
CA ASP A 99 31.72 23.31 -19.69
C ASP A 99 32.58 23.59 -18.48
N TRP A 100 32.03 24.31 -17.50
CA TRP A 100 32.74 24.46 -16.24
C TRP A 100 32.43 23.05 -15.69
N VAL A 101 33.39 22.39 -15.06
CA VAL A 101 33.13 21.07 -14.47
C VAL A 101 33.57 21.07 -13.00
N PHE A 102 32.90 20.26 -12.19
CA PHE A 102 33.17 20.25 -10.76
C PHE A 102 33.39 18.89 -10.10
N GLY A 103 34.07 18.92 -8.96
CA GLY A 103 34.30 17.71 -8.20
C GLY A 103 33.05 17.51 -7.34
N GLY A 104 32.83 16.29 -6.86
CA GLY A 104 31.66 16.03 -6.04
C GLY A 104 31.69 16.74 -4.69
N GLY A 105 32.88 17.17 -4.27
CA GLY A 105 32.98 17.85 -3.00
C GLY A 105 33.47 16.98 -1.87
N THR A 106 34.27 17.57 -0.99
CA THR A 106 34.82 16.85 0.16
C THR A 106 34.45 17.58 1.45
N LYS A 107 33.88 16.86 2.41
CA LYS A 107 33.53 17.48 3.68
C LYS A 107 34.71 17.34 4.62
N LEU A 108 35.25 18.47 5.07
CA LEU A 108 36.37 18.45 5.99
C LEU A 108 35.83 18.60 7.41
N THR A 109 36.13 17.64 8.27
CA THR A 109 35.71 17.71 9.66
C THR A 109 36.96 18.01 10.51
N VAL A 110 36.90 19.04 11.34
CA VAL A 110 38.02 19.36 12.21
C VAL A 110 37.60 18.75 13.54
N LEU A 111 38.17 17.58 13.83
CA LEU A 111 37.84 16.81 15.03
C LEU A 111 37.70 17.65 16.29
N SER A 112 36.49 17.70 16.84
CA SER A 112 36.24 18.45 18.06
C SER A 112 35.72 17.54 19.17
N GLN A 113 35.65 16.25 18.88
CA GLN A 113 35.21 15.27 19.86
C GLN A 113 35.75 13.94 19.40
N PRO A 114 35.82 12.95 20.29
CA PRO A 114 36.35 11.63 19.90
C PRO A 114 35.49 10.96 18.82
N LYS A 115 36.13 10.16 17.98
CA LYS A 115 35.41 9.48 16.93
C LYS A 115 34.41 8.52 17.54
N ALA A 116 33.25 8.39 16.90
CA ALA A 116 32.20 7.49 17.41
C ALA A 116 31.66 6.62 16.29
N ALA A 117 31.73 5.31 16.49
CA ALA A 117 31.25 4.36 15.49
C ALA A 117 29.72 4.42 15.41
N PRO A 118 29.16 4.09 14.25
CA PRO A 118 27.70 4.13 14.13
C PRO A 118 26.95 3.00 14.82
N SER A 119 25.74 3.31 15.29
CA SER A 119 24.86 2.31 15.88
C SER A 119 24.02 1.94 14.67
N VAL A 120 23.88 0.65 14.39
CA VAL A 120 23.11 0.21 13.24
C VAL A 120 21.96 -0.71 13.67
N THR A 121 20.79 -0.49 13.10
CA THR A 121 19.63 -1.32 13.38
C THR A 121 19.02 -1.71 12.04
N LEU A 122 18.85 -3.00 11.81
CA LEU A 122 18.29 -3.49 10.56
C LEU A 122 16.93 -4.17 10.78
N PHE A 123 15.88 -3.61 10.19
CA PHE A 123 14.53 -4.14 10.32
C PHE A 123 14.13 -4.89 9.06
N PRO A 124 13.40 -6.01 9.22
CA PRO A 124 12.97 -6.77 8.05
C PRO A 124 11.63 -6.21 7.61
N PRO A 125 11.10 -6.67 6.47
CA PRO A 125 9.79 -6.14 6.06
C PRO A 125 8.73 -6.73 6.99
N SER A 126 7.76 -5.91 7.36
CA SER A 126 6.70 -6.35 8.28
C SER A 126 5.69 -7.23 7.55
N SER A 127 4.95 -8.03 8.30
CA SER A 127 3.96 -8.91 7.71
C SER A 127 2.87 -8.06 7.04
N GLU A 128 2.58 -6.89 7.60
CA GLU A 128 1.57 -6.02 7.01
C GLU A 128 2.01 -5.54 5.63
N GLU A 129 3.28 -5.17 5.48
CA GLU A 129 3.76 -4.69 4.19
C GLU A 129 3.80 -5.81 3.16
N LEU A 130 4.22 -7.00 3.58
CA LEU A 130 4.27 -8.14 2.67
C LEU A 130 2.87 -8.42 2.11
N GLN A 131 1.84 -8.27 2.95
CA GLN A 131 0.48 -8.51 2.48
C GLN A 131 0.00 -7.39 1.57
N ALA A 132 0.78 -6.32 1.48
CA ALA A 132 0.43 -5.20 0.60
C ALA A 132 1.26 -5.36 -0.67
N ASN A 133 1.85 -6.55 -0.83
CA ASN A 133 2.67 -6.91 -1.98
C ASN A 133 3.96 -6.07 -2.14
N LYS A 134 4.57 -5.70 -1.02
CA LYS A 134 5.80 -4.90 -1.05
C LYS A 134 6.71 -5.38 0.08
N ALA A 135 8.00 -5.08 -0.03
CA ALA A 135 8.95 -5.48 1.00
C ALA A 135 10.07 -4.47 1.09
N THR A 136 10.29 -3.94 2.29
CA THR A 136 11.35 -2.96 2.48
C THR A 136 12.23 -3.33 3.67
N LEU A 137 13.53 -3.43 3.46
CA LEU A 137 14.43 -3.69 4.58
C LEU A 137 14.91 -2.30 4.96
N VAL A 138 14.88 -1.99 6.25
CA VAL A 138 15.28 -0.67 6.72
C VAL A 138 16.51 -0.68 7.60
N CYS A 139 17.55 0.02 7.16
CA CYS A 139 18.79 0.09 7.93
C CYS A 139 18.98 1.51 8.46
N LEU A 140 18.86 1.64 9.78
CA LEU A 140 19.01 2.94 10.45
C LEU A 140 20.40 3.04 11.06
N ILE A 141 21.10 4.12 10.75
CA ILE A 141 22.47 4.38 11.19
C ILE A 141 22.55 5.69 11.98
N SER A 142 22.99 5.62 13.24
CA SER A 142 23.05 6.82 14.04
C SER A 142 24.28 6.99 14.95
N ASP A 143 24.37 8.18 15.54
CA ASP A 143 25.45 8.53 16.45
C ASP A 143 26.89 8.35 15.98
N PHE A 144 27.16 8.59 14.71
CA PHE A 144 28.54 8.46 14.27
C PHE A 144 29.17 9.83 14.07
N TYR A 145 30.48 9.88 14.19
CA TYR A 145 31.24 11.12 14.04
C TYR A 145 32.67 10.70 13.73
N PRO A 146 33.29 11.28 12.69
CA PRO A 146 32.78 12.29 11.76
C PRO A 146 31.52 11.83 11.02
N GLY A 147 30.84 12.75 10.35
CA GLY A 147 29.60 12.44 9.65
C GLY A 147 29.65 11.87 8.24
N ALA A 148 30.32 10.73 8.08
CA ALA A 148 30.40 10.09 6.77
C ALA A 148 30.58 8.59 6.92
N VAL A 149 29.76 7.84 6.18
CA VAL A 149 29.83 6.39 6.20
C VAL A 149 29.54 5.95 4.78
N THR A 150 29.74 4.67 4.51
CA THR A 150 29.43 4.09 3.22
C THR A 150 28.61 2.87 3.57
N VAL A 151 27.52 2.64 2.84
CA VAL A 151 26.64 1.51 3.10
C VAL A 151 26.67 0.48 1.97
N ALA A 152 26.73 -0.80 2.34
CA ALA A 152 26.76 -1.89 1.35
C ALA A 152 25.81 -2.99 1.79
N TRP A 153 24.94 -3.42 0.87
CA TRP A 153 23.98 -4.48 1.16
C TRP A 153 24.42 -5.82 0.62
N LYS A 154 23.98 -6.88 1.30
CA LYS A 154 24.32 -8.24 0.89
C LYS A 154 23.08 -9.14 1.03
N ALA A 155 22.93 -10.04 0.08
CA ALA A 155 21.86 -11.03 0.05
C ALA A 155 22.62 -12.36 -0.08
N ASP A 156 22.39 -13.31 0.83
CA ASP A 156 23.10 -14.58 0.81
C ASP A 156 24.60 -14.30 0.68
N SER A 157 25.04 -13.24 1.38
CA SER A 157 26.43 -12.81 1.38
C SER A 157 26.95 -12.29 0.05
N SER A 158 26.04 -11.98 -0.87
CA SER A 158 26.42 -11.47 -2.18
C SER A 158 25.98 -10.02 -2.30
N PRO A 159 26.83 -9.17 -2.90
CA PRO A 159 26.50 -7.75 -3.06
C PRO A 159 25.19 -7.46 -3.79
N VAL A 160 24.50 -6.42 -3.32
CA VAL A 160 23.24 -5.99 -3.90
C VAL A 160 23.26 -4.47 -4.03
N LYS A 161 23.04 -3.97 -5.23
CA LYS A 161 23.00 -2.53 -5.46
C LYS A 161 21.61 -2.08 -5.90
N ALA A 162 20.95 -2.95 -6.68
CA ALA A 162 19.61 -2.67 -7.18
C ALA A 162 18.56 -2.59 -6.08
N GLY A 163 17.74 -1.55 -6.13
CA GLY A 163 16.68 -1.39 -5.13
C GLY A 163 17.14 -0.71 -3.85
N VAL A 164 18.37 -0.21 -3.85
CA VAL A 164 18.94 0.45 -2.70
C VAL A 164 18.88 1.98 -2.80
N GLU A 165 18.39 2.62 -1.75
CA GLU A 165 18.34 4.07 -1.67
C GLU A 165 18.91 4.43 -0.30
N THR A 166 19.99 5.19 -0.30
CA THR A 166 20.65 5.62 0.93
C THR A 166 20.66 7.13 1.01
N THR A 167 20.31 7.65 2.18
CA THR A 167 20.27 9.10 2.36
C THR A 167 21.65 9.65 2.65
N THR A 168 21.77 10.96 2.46
CA THR A 168 23.00 11.66 2.77
C THR A 168 23.04 11.69 4.30
N PRO A 169 24.22 11.92 4.88
CA PRO A 169 24.28 11.96 6.35
C PRO A 169 23.72 13.31 6.82
N SER A 170 23.12 13.35 8.00
CA SER A 170 22.56 14.59 8.53
C SER A 170 22.97 14.74 9.98
N LYS A 171 23.23 15.97 10.41
CA LYS A 171 23.64 16.22 11.78
C LYS A 171 22.48 16.03 12.75
N GLN A 172 22.74 15.28 13.83
CA GLN A 172 21.73 15.03 14.86
C GLN A 172 21.72 16.23 15.80
N SER A 173 20.79 16.23 16.75
CA SER A 173 20.68 17.31 17.73
C SER A 173 21.94 17.36 18.61
N ASN A 174 22.51 16.20 18.88
CA ASN A 174 23.70 16.11 19.73
C ASN A 174 25.02 16.29 18.97
N ASN A 175 24.93 16.74 17.73
CA ASN A 175 26.11 16.98 16.90
C ASN A 175 26.83 15.76 16.34
N LYS A 176 26.24 14.58 16.53
CA LYS A 176 26.80 13.38 15.92
C LYS A 176 25.92 13.25 14.68
N TYR A 177 26.12 12.22 13.87
CA TYR A 177 25.35 12.10 12.64
C TYR A 177 24.49 10.83 12.45
N ALA A 178 23.46 10.98 11.63
CA ALA A 178 22.54 9.89 11.32
C ALA A 178 22.38 9.75 9.79
N ALA A 179 21.89 8.59 9.39
CA ALA A 179 21.66 8.28 7.98
C ALA A 179 20.84 7.00 7.93
N SER A 180 20.18 6.75 6.81
CA SER A 180 19.42 5.53 6.69
C SER A 180 19.55 5.01 5.27
N SER A 181 19.31 3.71 5.11
CA SER A 181 19.37 3.07 3.82
C SER A 181 18.23 2.07 3.71
N TYR A 182 17.63 2.03 2.53
CA TYR A 182 16.48 1.16 2.28
C TYR A 182 16.71 0.23 1.09
N LEU A 183 16.38 -1.04 1.29
CA LEU A 183 16.49 -2.04 0.23
C LEU A 183 15.06 -2.51 -0.07
N SER A 184 14.57 -2.18 -1.26
CA SER A 184 13.22 -2.58 -1.68
C SER A 184 13.25 -3.85 -2.51
N LEU A 185 12.39 -4.79 -2.16
CA LEU A 185 12.28 -6.08 -2.86
C LEU A 185 10.83 -6.48 -2.97
N THR A 186 10.52 -7.44 -3.82
CA THR A 186 9.15 -7.92 -3.91
C THR A 186 9.07 -8.96 -2.79
N PRO A 187 7.87 -9.30 -2.34
CA PRO A 187 7.75 -10.29 -1.26
C PRO A 187 8.38 -11.63 -1.69
N GLU A 188 8.21 -11.98 -2.97
CA GLU A 188 8.76 -13.22 -3.52
C GLU A 188 10.29 -13.22 -3.41
N GLN A 189 10.93 -12.12 -3.78
CA GLN A 189 12.39 -12.05 -3.69
C GLN A 189 12.83 -12.17 -2.24
N TRP A 190 12.17 -11.42 -1.36
CA TRP A 190 12.50 -11.43 0.05
C TRP A 190 12.63 -12.83 0.63
N LYS A 191 11.65 -13.68 0.33
CA LYS A 191 11.63 -15.06 0.85
C LYS A 191 12.61 -16.02 0.16
N SER A 192 13.20 -15.59 -0.93
CA SER A 192 14.13 -16.42 -1.69
C SER A 192 15.54 -16.52 -1.12
N HIS A 193 15.95 -15.55 -0.30
CA HIS A 193 17.30 -15.61 0.25
C HIS A 193 17.30 -16.01 1.71
N ARG A 194 18.42 -16.56 2.18
CA ARG A 194 18.47 -17.01 3.56
C ARG A 194 18.88 -15.93 4.54
N SER A 195 19.61 -14.92 4.08
CA SER A 195 20.04 -13.84 4.95
C SER A 195 20.27 -12.58 4.14
N TYR A 196 20.20 -11.44 4.82
CA TYR A 196 20.42 -10.13 4.21
C TYR A 196 21.22 -9.31 5.21
N SER A 197 22.19 -8.55 4.73
CA SER A 197 23.00 -7.73 5.61
C SER A 197 23.18 -6.30 5.17
N CYS A 198 23.25 -5.42 6.16
CA CYS A 198 23.48 -4.00 5.96
C CYS A 198 24.81 -3.76 6.64
N GLN A 199 25.85 -3.45 5.86
CA GLN A 199 27.17 -3.22 6.41
C GLN A 199 27.55 -1.76 6.32
N VAL A 200 27.82 -1.15 7.47
CA VAL A 200 28.18 0.26 7.50
C VAL A 200 29.65 0.46 7.82
N THR A 201 30.34 1.15 6.92
CA THR A 201 31.76 1.40 7.10
C THR A 201 31.97 2.83 7.54
N HIS A 202 32.73 3.00 8.62
CA HIS A 202 33.01 4.30 9.18
C HIS A 202 34.46 4.34 9.67
N GLU A 203 35.24 5.25 9.10
CA GLU A 203 36.65 5.40 9.49
C GLU A 203 37.37 4.05 9.46
N GLY A 204 37.19 3.30 8.37
CA GLY A 204 37.86 2.02 8.24
C GLY A 204 37.26 0.82 8.98
N SER A 205 36.36 1.06 9.93
CA SER A 205 35.73 -0.04 10.66
C SER A 205 34.32 -0.27 10.15
N THR A 206 33.92 -1.53 10.04
CA THR A 206 32.59 -1.88 9.54
C THR A 206 31.70 -2.49 10.60
N VAL A 207 30.49 -1.94 10.72
CA VAL A 207 29.50 -2.45 11.67
C VAL A 207 28.46 -3.13 10.80
N GLU A 208 28.02 -4.32 11.19
CA GLU A 208 27.08 -5.07 10.38
C GLU A 208 25.87 -5.62 11.12
N LYS A 209 24.76 -5.69 10.40
CA LYS A 209 23.52 -6.25 10.96
C LYS A 209 22.92 -7.17 9.93
N THR A 210 22.31 -8.25 10.40
CA THR A 210 21.72 -9.24 9.52
C THR A 210 20.34 -9.69 9.99
N VAL A 211 19.50 -10.08 9.04
CA VAL A 211 18.18 -10.60 9.34
C VAL A 211 17.99 -11.81 8.45
N ALA A 212 17.15 -12.74 8.88
CA ALA A 212 16.90 -13.95 8.13
C ALA A 212 15.40 -14.18 8.02
N PRO A 213 14.88 -14.28 6.80
CA PRO A 213 13.45 -14.48 6.56
C PRO A 213 12.81 -15.57 7.40
N THR A 214 13.49 -16.71 7.55
CA THR A 214 12.92 -17.80 8.33
C THR A 214 12.70 -17.41 9.79
N GLU A 215 13.63 -16.64 10.36
CA GLU A 215 13.53 -16.22 11.75
C GLU A 215 12.47 -15.15 12.01
N CYS A 216 12.23 -14.29 11.02
CA CYS A 216 11.24 -13.22 11.19
C CYS A 216 9.81 -13.73 11.01
N GLU B 1 26.80 45.29 -2.12
CA GLU B 1 25.48 44.64 -2.34
C GLU B 1 25.39 43.99 -3.73
N VAL B 2 26.18 42.94 -3.91
CA VAL B 2 26.21 42.19 -5.15
C VAL B 2 25.40 40.93 -4.94
N GLN B 3 24.42 40.67 -5.80
CA GLN B 3 23.63 39.47 -5.65
C GLN B 3 22.85 39.01 -6.88
N LEU B 4 22.45 37.74 -6.85
CA LEU B 4 21.66 37.13 -7.91
C LEU B 4 20.52 36.41 -7.23
N VAL B 5 19.30 36.57 -7.73
CA VAL B 5 18.15 35.92 -7.12
C VAL B 5 17.33 35.23 -8.20
N GLU B 6 17.20 33.92 -8.09
CA GLU B 6 16.43 33.19 -9.08
C GLU B 6 15.05 32.79 -8.58
N SER B 7 14.12 32.65 -9.50
CA SER B 7 12.76 32.26 -9.16
C SER B 7 12.15 31.51 -10.33
N GLY B 8 11.02 30.87 -10.08
CA GLY B 8 10.34 30.14 -11.12
C GLY B 8 10.30 28.64 -10.90
N GLY B 9 11.08 28.16 -9.94
CA GLY B 9 11.10 26.72 -9.67
C GLY B 9 9.74 26.21 -9.24
N GLY B 10 9.48 24.93 -9.48
CA GLY B 10 8.21 24.34 -9.09
C GLY B 10 8.10 22.90 -9.52
N LEU B 11 6.94 22.29 -9.28
CA LEU B 11 6.70 20.90 -9.67
C LEU B 11 6.19 20.86 -11.11
N VAL B 12 6.78 20.00 -11.93
CA VAL B 12 6.39 19.87 -13.32
C VAL B 12 6.36 18.42 -13.75
N LYS B 13 5.41 18.08 -14.60
CA LYS B 13 5.27 16.70 -15.09
C LYS B 13 6.33 16.41 -16.14
N PRO B 14 6.79 15.15 -16.23
CA PRO B 14 7.79 14.83 -17.24
C PRO B 14 7.21 15.25 -18.60
N GLY B 15 8.05 15.78 -19.47
CA GLY B 15 7.59 16.23 -20.78
C GLY B 15 7.10 17.67 -20.73
N GLY B 16 7.04 18.24 -19.54
CA GLY B 16 6.58 19.62 -19.40
C GLY B 16 7.66 20.66 -19.63
N SER B 17 7.28 21.92 -19.43
CA SER B 17 8.21 23.03 -19.62
C SER B 17 8.13 23.98 -18.44
N LEU B 18 9.20 24.73 -18.23
CA LEU B 18 9.26 25.68 -17.13
C LEU B 18 10.31 26.74 -17.44
N ARG B 19 10.06 27.98 -17.03
CA ARG B 19 11.01 29.05 -17.29
C ARG B 19 11.51 29.62 -15.98
N LEU B 20 12.82 29.69 -15.82
CA LEU B 20 13.40 30.23 -14.61
C LEU B 20 13.91 31.64 -14.87
N THR B 21 13.88 32.47 -13.84
CA THR B 21 14.36 33.83 -13.94
C THR B 21 15.43 34.08 -12.88
N CYS B 22 16.40 34.93 -13.21
CA CYS B 22 17.49 35.27 -12.32
C CYS B 22 17.72 36.78 -12.41
N VAL B 23 17.45 37.49 -11.32
CA VAL B 23 17.62 38.94 -11.29
C VAL B 23 18.92 39.34 -10.61
N ALA B 24 19.71 40.17 -11.29
CA ALA B 24 20.98 40.63 -10.75
C ALA B 24 20.87 42.05 -10.23
N SER B 25 21.78 42.41 -9.32
CA SER B 25 21.80 43.76 -8.75
C SER B 25 23.14 44.00 -8.07
N GLY B 26 23.56 45.27 -8.00
CA GLY B 26 24.81 45.59 -7.36
C GLY B 26 26.05 45.65 -8.26
N PHE B 27 25.90 45.31 -9.53
CA PHE B 27 27.04 45.34 -10.46
C PHE B 27 26.57 45.54 -11.91
N THR B 28 27.48 45.89 -12.79
CA THR B 28 27.12 46.11 -14.19
C THR B 28 26.84 44.77 -14.88
N PHE B 29 25.56 44.42 -14.95
CA PHE B 29 25.10 43.15 -15.52
C PHE B 29 25.60 42.89 -16.94
N SER B 30 25.37 43.84 -17.83
CA SER B 30 25.75 43.75 -19.24
C SER B 30 27.22 43.44 -19.50
N ASP B 31 28.07 43.66 -18.50
CA ASP B 31 29.50 43.42 -18.65
C ASP B 31 29.97 42.00 -18.36
N VAL B 32 29.10 41.15 -17.81
CA VAL B 32 29.55 39.81 -17.47
C VAL B 32 28.87 38.65 -18.17
N TRP B 33 29.58 37.53 -18.17
CA TRP B 33 29.09 36.28 -18.72
C TRP B 33 28.31 35.64 -17.57
N LEU B 34 27.26 34.90 -17.90
CA LEU B 34 26.47 34.23 -16.86
C LEU B 34 26.28 32.74 -17.14
N ASN B 35 26.14 31.96 -16.07
CA ASN B 35 25.92 30.53 -16.17
C ASN B 35 24.70 30.10 -15.40
N TRP B 36 24.20 28.93 -15.79
CA TRP B 36 23.12 28.28 -15.08
C TRP B 36 23.80 26.98 -14.70
N VAL B 37 23.70 26.62 -13.43
CA VAL B 37 24.26 25.37 -12.93
C VAL B 37 23.13 24.74 -12.14
N ARG B 38 23.24 23.44 -11.88
CA ARG B 38 22.20 22.75 -11.14
C ARG B 38 22.83 21.66 -10.29
N GLN B 39 22.13 21.25 -9.25
CA GLN B 39 22.64 20.21 -8.38
C GLN B 39 21.50 19.36 -7.86
N ALA B 40 21.52 18.09 -8.25
CA ALA B 40 20.50 17.14 -7.83
C ALA B 40 20.78 16.72 -6.40
N PRO B 41 19.74 16.32 -5.66
CA PRO B 41 19.91 15.89 -4.27
C PRO B 41 21.00 14.83 -4.13
N GLY B 42 21.92 15.07 -3.19
CA GLY B 42 23.02 14.14 -2.97
C GLY B 42 23.96 13.92 -4.14
N LYS B 43 24.11 14.91 -5.01
CA LYS B 43 25.01 14.77 -6.15
C LYS B 43 25.89 16.01 -6.36
N GLY B 44 26.83 15.90 -7.29
CA GLY B 44 27.71 17.02 -7.55
C GLY B 44 27.11 18.10 -8.45
N LEU B 45 27.68 19.29 -8.37
CA LEU B 45 27.23 20.40 -9.20
C LEU B 45 27.41 20.06 -10.68
N GLU B 46 26.48 20.54 -11.52
CA GLU B 46 26.56 20.31 -12.96
C GLU B 46 26.26 21.60 -13.72
N TRP B 47 27.18 21.99 -14.59
CA TRP B 47 27.03 23.18 -15.39
C TRP B 47 25.96 22.93 -16.45
N VAL B 48 25.01 23.86 -16.58
CA VAL B 48 23.93 23.71 -17.54
C VAL B 48 24.22 24.44 -18.85
N GLY B 49 24.76 25.65 -18.75
CA GLY B 49 25.07 26.42 -19.94
C GLY B 49 25.48 27.85 -19.59
N ARG B 50 25.93 28.59 -20.58
CA ARG B 50 26.35 29.97 -20.39
C ARG B 50 25.81 30.84 -21.49
N ILE B 51 25.90 32.15 -21.28
CA ILE B 51 25.54 33.14 -22.27
C ILE B 51 26.59 34.23 -22.09
N LYS B 52 27.26 34.57 -23.18
CA LYS B 52 28.29 35.59 -23.14
C LYS B 52 27.69 36.99 -23.13
N SER B 53 28.52 37.97 -22.79
CA SER B 53 28.08 39.36 -22.78
C SER B 53 27.91 39.84 -24.21
N ARG B 54 27.10 40.87 -24.41
CA ARG B 54 26.86 41.44 -25.72
C ARG B 54 28.18 41.74 -26.43
N THR B 55 29.12 42.30 -25.67
CA THR B 55 30.43 42.66 -26.21
C THR B 55 31.24 41.46 -26.74
N ASP B 56 30.97 40.27 -26.23
CA ASP B 56 31.69 39.08 -26.68
C ASP B 56 30.82 38.25 -27.63
N GLY B 57 29.74 38.84 -28.11
CA GLY B 57 28.87 38.13 -29.03
C GLY B 57 27.50 37.73 -28.52
N GLY B 58 27.36 37.61 -27.20
CA GLY B 58 26.08 37.23 -26.62
C GLY B 58 25.64 35.83 -27.02
N THR B 59 26.59 34.99 -27.40
CA THR B 59 26.26 33.62 -27.80
C THR B 59 26.13 32.68 -26.61
N THR B 60 25.52 31.53 -26.87
CA THR B 60 25.29 30.53 -25.83
C THR B 60 26.00 29.20 -26.04
N ASP B 61 26.26 28.50 -24.94
CA ASP B 61 26.88 27.17 -24.95
C ASP B 61 26.00 26.34 -24.01
N TYR B 62 25.80 25.07 -24.34
CA TYR B 62 24.95 24.20 -23.53
C TYR B 62 25.59 22.86 -23.23
N ALA B 63 25.35 22.33 -22.03
CA ALA B 63 25.87 21.00 -21.68
C ALA B 63 25.20 20.01 -22.62
N ALA B 64 25.89 18.91 -22.93
CA ALA B 64 25.34 17.91 -23.82
C ALA B 64 24.03 17.34 -23.29
N SER B 65 23.90 17.28 -21.97
CA SER B 65 22.69 16.75 -21.34
C SER B 65 21.42 17.58 -21.52
N VAL B 66 21.56 18.84 -21.94
CA VAL B 66 20.39 19.70 -22.11
C VAL B 66 20.27 20.40 -23.45
N LYS B 67 21.33 20.40 -24.25
CA LYS B 67 21.28 21.09 -25.54
C LYS B 67 20.14 20.58 -26.40
N GLY B 68 19.36 21.51 -26.94
CA GLY B 68 18.24 21.13 -27.77
C GLY B 68 16.92 21.18 -27.02
N ARG B 69 17.00 21.20 -25.69
CA ARG B 69 15.80 21.26 -24.87
C ARG B 69 15.75 22.55 -24.04
N PHE B 70 16.92 23.03 -23.64
CA PHE B 70 17.03 24.24 -22.82
C PHE B 70 17.53 25.44 -23.62
N THR B 71 16.97 26.61 -23.34
CA THR B 71 17.37 27.84 -24.02
C THR B 71 17.72 28.91 -23.00
N ILE B 72 18.90 29.52 -23.15
CA ILE B 72 19.33 30.57 -22.24
C ILE B 72 19.31 31.93 -22.96
N SER B 73 18.78 32.95 -22.29
CA SER B 73 18.74 34.28 -22.86
C SER B 73 18.89 35.33 -21.76
N ARG B 74 19.31 36.53 -22.15
CA ARG B 74 19.48 37.61 -21.19
C ARG B 74 18.78 38.88 -21.67
N ASP B 75 18.46 39.76 -20.73
CA ASP B 75 17.83 41.04 -21.03
C ASP B 75 18.59 42.05 -20.18
N ASP B 76 19.63 42.62 -20.76
CA ASP B 76 20.47 43.56 -20.05
C ASP B 76 19.72 44.77 -19.50
N SER B 77 18.65 45.18 -20.17
CA SER B 77 17.89 46.34 -19.73
C SER B 77 17.11 46.03 -18.45
N LYS B 78 16.92 44.75 -18.16
CA LYS B 78 16.18 44.36 -16.95
C LYS B 78 17.10 43.64 -15.96
N ASN B 79 18.39 43.58 -16.28
CA ASN B 79 19.34 42.88 -15.42
C ASN B 79 18.84 41.47 -15.14
N THR B 80 18.17 40.88 -16.13
CA THR B 80 17.61 39.56 -15.96
C THR B 80 18.18 38.49 -16.90
N LEU B 81 18.32 37.29 -16.35
CA LEU B 81 18.83 36.13 -17.07
C LEU B 81 17.69 35.11 -17.07
N TYR B 82 17.51 34.38 -18.16
CA TYR B 82 16.43 33.39 -18.27
C TYR B 82 16.92 32.01 -18.67
N LEU B 83 16.14 31.01 -18.28
CA LEU B 83 16.44 29.62 -18.65
C LEU B 83 15.10 29.01 -19.02
N GLN B 84 14.87 28.80 -20.31
CA GLN B 84 13.63 28.21 -20.79
C GLN B 84 13.89 26.71 -20.90
N MET B 85 13.13 25.92 -20.15
CA MET B 85 13.30 24.47 -20.17
C MET B 85 12.09 23.76 -20.79
N ASN B 86 12.36 22.97 -21.82
CA ASN B 86 11.32 22.21 -22.50
C ASN B 86 11.67 20.73 -22.49
N SER B 87 10.66 19.89 -22.75
CA SER B 87 10.84 18.44 -22.79
C SER B 87 11.53 17.95 -21.52
N LEU B 88 11.13 18.50 -20.38
CA LEU B 88 11.73 18.12 -19.11
C LEU B 88 11.67 16.63 -18.81
N LYS B 89 12.75 16.14 -18.21
CA LYS B 89 12.90 14.74 -17.83
C LYS B 89 13.11 14.67 -16.32
N THR B 90 12.73 13.55 -15.71
CA THR B 90 12.89 13.41 -14.26
C THR B 90 14.32 13.71 -13.84
N GLU B 91 15.30 13.29 -14.63
CA GLU B 91 16.70 13.53 -14.28
C GLU B 91 17.08 15.01 -14.34
N ASP B 92 16.14 15.88 -14.71
CA ASP B 92 16.41 17.31 -14.73
C ASP B 92 16.09 17.89 -13.37
N THR B 93 15.60 17.05 -12.47
CA THR B 93 15.26 17.48 -11.12
C THR B 93 16.51 17.95 -10.38
N ALA B 94 16.43 19.14 -9.79
CA ALA B 94 17.57 19.68 -9.05
C ALA B 94 17.34 21.11 -8.63
N VAL B 95 18.30 21.63 -7.87
CA VAL B 95 18.26 23.02 -7.45
C VAL B 95 19.03 23.76 -8.55
N TYR B 96 18.40 24.74 -9.19
CA TYR B 96 19.06 25.50 -10.25
C TYR B 96 19.54 26.87 -9.77
N SER B 97 20.80 27.18 -10.03
CA SER B 97 21.38 28.44 -9.61
C SER B 97 22.02 29.17 -10.79
N CYS B 98 22.04 30.50 -10.71
CA CYS B 98 22.70 31.29 -11.75
C CYS B 98 23.98 31.80 -11.12
N THR B 99 25.00 31.99 -11.95
CA THR B 99 26.29 32.48 -11.48
C THR B 99 26.88 33.39 -12.55
N THR B 100 27.82 34.23 -12.14
CA THR B 100 28.48 35.09 -13.08
C THR B 100 29.90 34.56 -13.20
N ASP B 101 30.57 34.95 -14.26
CA ASP B 101 31.97 34.58 -14.44
C ASP B 101 32.66 35.87 -14.02
N GLY B 102 33.54 35.78 -13.05
CA GLY B 102 34.26 36.94 -12.59
C GLY B 102 35.71 36.66 -12.89
N PHE B 103 36.60 37.48 -12.39
CA PHE B 103 38.02 37.25 -12.63
C PHE B 103 38.94 37.92 -11.62
N ILE B 104 40.17 37.41 -11.58
CA ILE B 104 41.22 37.96 -10.73
C ILE B 104 42.19 38.44 -11.78
N MET B 105 42.54 39.72 -11.76
CA MET B 105 43.47 40.24 -12.76
C MET B 105 44.86 40.37 -12.18
N ILE B 106 45.86 39.98 -12.97
CA ILE B 106 47.25 40.08 -12.54
C ILE B 106 47.98 40.96 -13.53
N ARG B 107 48.68 41.98 -13.02
CA ARG B 107 49.45 42.86 -13.88
C ARG B 107 50.85 42.29 -14.05
N GLY B 108 51.11 41.68 -15.21
CA GLY B 108 52.41 41.12 -15.46
C GLY B 108 53.35 42.20 -15.93
N VAL B 109 54.64 41.86 -16.00
CA VAL B 109 55.65 42.82 -16.44
C VAL B 109 55.41 43.20 -17.90
N SER B 110 54.44 42.55 -18.54
CA SER B 110 54.14 42.82 -19.93
C SER B 110 52.63 42.85 -20.21
N GLU B 111 51.98 41.71 -20.02
CA GLU B 111 50.54 41.59 -20.25
C GLU B 111 49.74 41.38 -18.97
N ASP B 112 48.47 41.76 -19.00
CA ASP B 112 47.59 41.58 -17.85
C ASP B 112 46.89 40.24 -18.00
N TYR B 113 46.99 39.39 -16.98
CA TYR B 113 46.36 38.08 -17.02
C TYR B 113 45.06 38.06 -16.23
N TYR B 114 44.00 37.58 -16.88
CA TYR B 114 42.69 37.49 -16.24
C TYR B 114 42.31 36.03 -16.01
N TYR B 115 42.17 35.65 -14.75
CA TYR B 115 41.77 34.30 -14.41
C TYR B 115 40.29 34.34 -14.06
N TYR B 116 39.48 33.66 -14.85
CA TYR B 116 38.05 33.67 -14.61
C TYR B 116 37.61 32.55 -13.69
N TYR B 117 36.45 32.73 -13.08
CA TYR B 117 35.89 31.74 -12.16
C TYR B 117 34.43 32.10 -11.89
N MET B 118 33.66 31.15 -11.37
CA MET B 118 32.27 31.47 -11.05
C MET B 118 32.43 32.30 -9.78
N ASP B 119 32.02 33.56 -9.91
CA ASP B 119 32.15 34.54 -8.84
C ASP B 119 30.91 34.69 -7.95
N VAL B 120 29.85 35.29 -8.49
CA VAL B 120 28.62 35.48 -7.74
C VAL B 120 27.69 34.29 -7.94
N TRP B 121 27.08 33.81 -6.86
CA TRP B 121 26.17 32.68 -6.94
C TRP B 121 24.82 33.04 -6.30
N GLY B 122 23.73 32.67 -6.97
CA GLY B 122 22.41 32.91 -6.41
C GLY B 122 22.14 31.78 -5.45
N LYS B 123 21.07 31.86 -4.67
CA LYS B 123 20.78 30.77 -3.74
C LYS B 123 20.06 29.60 -4.39
N GLY B 124 19.63 29.81 -5.63
CA GLY B 124 18.97 28.75 -6.36
C GLY B 124 17.47 28.64 -6.17
N THR B 125 16.83 27.99 -7.13
CA THR B 125 15.39 27.76 -7.10
C THR B 125 15.27 26.27 -7.40
N THR B 126 14.32 25.62 -6.74
CA THR B 126 14.14 24.17 -6.91
C THR B 126 13.16 23.78 -8.01
N VAL B 127 13.60 22.85 -8.86
CA VAL B 127 12.78 22.35 -9.96
C VAL B 127 12.59 20.86 -9.75
N THR B 128 11.34 20.43 -9.68
CA THR B 128 11.05 19.01 -9.48
C THR B 128 10.26 18.48 -10.67
N VAL B 129 10.86 17.56 -11.40
CA VAL B 129 10.21 16.96 -12.54
C VAL B 129 9.81 15.56 -12.11
N SER B 130 8.52 15.37 -11.90
CA SER B 130 8.00 14.09 -11.46
C SER B 130 6.50 14.03 -11.71
N SER B 131 5.97 12.82 -11.81
CA SER B 131 4.55 12.66 -12.03
C SER B 131 3.84 12.52 -10.67
N ALA B 132 4.59 12.71 -9.59
CA ALA B 132 4.04 12.60 -8.25
C ALA B 132 3.14 13.76 -7.85
N SER B 133 2.23 13.49 -6.93
CA SER B 133 1.28 14.48 -6.42
C SER B 133 0.90 14.13 -4.98
N THR B 134 0.33 15.10 -4.28
CA THR B 134 -0.08 14.96 -2.88
C THR B 134 -0.61 13.56 -2.53
N LYS B 135 0.07 12.89 -1.62
CA LYS B 135 -0.32 11.54 -1.20
C LYS B 135 0.02 11.32 0.26
N GLY B 136 -0.91 10.73 1.01
CA GLY B 136 -0.67 10.46 2.42
C GLY B 136 0.23 9.23 2.53
N PRO B 137 0.84 8.98 3.69
CA PRO B 137 1.72 7.81 3.79
C PRO B 137 1.04 6.53 4.28
N SER B 138 1.67 5.40 3.98
CA SER B 138 1.21 4.09 4.45
C SER B 138 2.15 3.89 5.62
N VAL B 139 1.63 3.48 6.76
CA VAL B 139 2.47 3.28 7.93
C VAL B 139 2.56 1.80 8.29
N PHE B 140 3.78 1.30 8.45
CA PHE B 140 4.01 -0.10 8.79
C PHE B 140 4.84 -0.20 10.06
N PRO B 141 4.58 -1.23 10.86
CA PRO B 141 5.32 -1.43 12.11
C PRO B 141 6.71 -1.98 11.84
N LEU B 142 7.69 -1.54 12.63
CA LEU B 142 9.06 -2.01 12.50
C LEU B 142 9.36 -2.76 13.80
N ALA B 143 9.54 -4.06 13.68
CA ALA B 143 9.82 -4.92 14.82
C ALA B 143 11.02 -5.79 14.46
N PRO B 144 11.88 -6.10 15.43
CA PRO B 144 13.06 -6.93 15.17
C PRO B 144 12.73 -8.32 14.64
N CYS B 145 13.55 -8.80 13.71
CA CYS B 145 13.36 -10.12 13.14
C CYS B 145 13.44 -11.15 14.28
N SER B 146 14.61 -11.23 14.91
CA SER B 146 14.83 -12.15 16.02
C SER B 146 14.14 -11.63 17.29
N ARG B 147 13.46 -12.51 18.01
CA ARG B 147 12.78 -12.14 19.24
C ARG B 147 13.72 -11.44 20.24
N SER B 148 13.21 -10.43 20.93
CA SER B 148 14.01 -9.69 21.90
C SER B 148 14.32 -10.54 23.13
N THR B 149 15.54 -10.43 23.63
CA THR B 149 15.97 -11.17 24.81
C THR B 149 16.20 -10.19 25.96
N SER B 150 15.67 -10.52 27.14
CA SER B 150 15.82 -9.66 28.31
C SER B 150 17.25 -9.15 28.48
N GLY B 151 17.41 -8.01 29.15
CA GLY B 151 18.72 -7.44 29.35
C GLY B 151 19.09 -6.68 28.08
N GLY B 152 19.64 -5.48 28.24
CA GLY B 152 19.99 -4.69 27.06
C GLY B 152 18.80 -3.89 26.57
N THR B 153 18.86 -3.43 25.32
CA THR B 153 17.77 -2.65 24.76
C THR B 153 17.17 -3.26 23.50
N ALA B 154 15.96 -2.84 23.16
CA ALA B 154 15.28 -3.31 21.96
C ALA B 154 14.86 -2.06 21.20
N ALA B 155 14.82 -2.18 19.89
CA ALA B 155 14.42 -1.06 19.04
C ALA B 155 13.16 -1.44 18.29
N LEU B 156 12.19 -0.52 18.26
CA LEU B 156 10.93 -0.74 17.56
C LEU B 156 10.60 0.55 16.84
N GLY B 157 9.69 0.51 15.89
CA GLY B 157 9.38 1.74 15.18
C GLY B 157 8.27 1.69 14.16
N CYS B 158 8.20 2.75 13.36
CA CYS B 158 7.20 2.89 12.31
C CYS B 158 7.88 3.34 11.03
N LEU B 159 7.55 2.66 9.94
CA LEU B 159 8.06 3.01 8.63
C LEU B 159 6.95 3.84 8.00
N VAL B 160 7.27 5.07 7.63
CA VAL B 160 6.28 5.96 7.01
C VAL B 160 6.63 6.00 5.53
N LYS B 161 5.91 5.21 4.74
CA LYS B 161 6.12 5.07 3.30
C LYS B 161 5.29 5.85 2.29
N ASP B 162 5.93 6.15 1.17
CA ASP B 162 5.34 6.81 0.03
C ASP B 162 4.41 8.01 0.24
N TYR B 163 4.94 9.11 0.75
CA TYR B 163 4.13 10.31 0.92
C TYR B 163 4.74 11.41 0.08
N PHE B 164 3.96 12.47 -0.13
CA PHE B 164 4.40 13.60 -0.92
C PHE B 164 3.40 14.72 -0.78
N PRO B 165 3.89 15.95 -0.56
CA PRO B 165 5.32 16.27 -0.46
C PRO B 165 5.72 16.28 1.02
N GLU B 166 6.94 16.73 1.29
CA GLU B 166 7.42 16.84 2.67
C GLU B 166 6.60 18.00 3.24
N PRO B 167 6.48 18.07 4.58
CA PRO B 167 7.04 17.17 5.59
C PRO B 167 5.97 16.32 6.26
N VAL B 168 6.43 15.45 7.12
CA VAL B 168 5.56 14.58 7.91
C VAL B 168 6.09 14.75 9.32
N THR B 169 5.23 14.60 10.32
CA THR B 169 5.69 14.69 11.71
C THR B 169 5.34 13.39 12.40
N VAL B 170 6.20 12.96 13.32
CA VAL B 170 5.96 11.73 14.05
C VAL B 170 6.18 11.95 15.53
N SER B 171 5.23 11.49 16.34
CA SER B 171 5.36 11.59 17.78
C SER B 171 5.01 10.19 18.26
N TRP B 172 5.31 9.90 19.51
CA TRP B 172 5.00 8.60 20.07
C TRP B 172 4.13 8.77 21.30
N ASN B 173 3.09 7.95 21.38
CA ASN B 173 2.16 7.99 22.48
C ASN B 173 1.68 9.42 22.71
N SER B 174 1.25 10.07 21.64
CA SER B 174 0.73 11.44 21.72
C SER B 174 1.71 12.42 22.35
N GLY B 175 2.99 12.23 22.12
CA GLY B 175 3.98 13.14 22.68
C GLY B 175 4.42 12.83 24.10
N ALA B 176 3.79 11.85 24.75
CA ALA B 176 4.17 11.52 26.11
C ALA B 176 5.53 10.83 26.11
N LEU B 177 5.92 10.27 24.98
CA LEU B 177 7.19 9.56 24.87
C LEU B 177 8.18 10.27 23.94
N THR B 178 9.29 10.73 24.50
CA THR B 178 10.32 11.43 23.74
C THR B 178 11.69 10.79 23.99
N SER B 179 11.85 10.15 25.14
CA SER B 179 13.10 9.50 25.50
C SER B 179 13.40 8.28 24.63
N GLY B 180 14.58 8.28 24.01
CA GLY B 180 14.99 7.17 23.17
C GLY B 180 14.31 7.20 21.80
N VAL B 181 13.66 8.31 21.49
CA VAL B 181 12.99 8.44 20.20
C VAL B 181 13.90 9.10 19.18
N HIS B 182 13.93 8.54 17.97
CA HIS B 182 14.77 9.12 16.93
C HIS B 182 14.08 8.98 15.56
N THR B 183 13.64 10.11 15.02
CA THR B 183 12.98 10.14 13.72
C THR B 183 14.06 10.56 12.71
N PHE B 184 14.20 9.79 11.65
CA PHE B 184 15.22 10.05 10.63
C PHE B 184 14.78 10.84 9.41
N PRO B 185 15.71 11.61 8.81
CA PRO B 185 15.38 12.39 7.63
C PRO B 185 14.90 11.41 6.54
N ALA B 186 13.96 11.84 5.71
CA ALA B 186 13.41 10.98 4.67
C ALA B 186 14.33 10.68 3.51
N VAL B 187 14.01 9.60 2.80
CA VAL B 187 14.77 9.22 1.63
C VAL B 187 13.82 9.51 0.47
N LEU B 188 14.37 9.92 -0.66
CA LEU B 188 13.54 10.23 -1.83
C LEU B 188 13.68 9.10 -2.84
N GLN B 189 12.55 8.51 -3.21
CA GLN B 189 12.54 7.40 -4.16
C GLN B 189 12.49 7.92 -5.59
N SER B 190 12.77 7.03 -6.54
CA SER B 190 12.76 7.40 -7.96
C SER B 190 11.37 7.87 -8.37
N SER B 191 10.35 7.35 -7.71
CA SER B 191 8.96 7.70 -8.01
C SER B 191 8.61 9.15 -7.64
N GLY B 192 9.45 9.78 -6.84
CA GLY B 192 9.17 11.14 -6.42
C GLY B 192 8.55 11.18 -5.03
N LEU B 193 8.31 10.00 -4.47
CA LEU B 193 7.72 9.86 -3.13
C LEU B 193 8.78 9.71 -2.04
N TYR B 194 8.48 10.20 -0.85
CA TYR B 194 9.41 10.09 0.27
C TYR B 194 8.98 8.99 1.22
N SER B 195 9.93 8.58 2.06
CA SER B 195 9.71 7.56 3.06
C SER B 195 10.69 7.88 4.19
N LEU B 196 10.28 7.66 5.43
CA LEU B 196 11.17 7.89 6.55
C LEU B 196 10.85 6.89 7.64
N SER B 197 11.71 6.81 8.65
CA SER B 197 11.49 5.91 9.75
C SER B 197 11.65 6.63 11.07
N SER B 198 10.93 6.16 12.09
CA SER B 198 11.03 6.72 13.42
C SER B 198 11.15 5.50 14.33
N VAL B 199 12.16 5.53 15.19
CA VAL B 199 12.37 4.41 16.07
C VAL B 199 12.58 4.83 17.51
N VAL B 200 12.15 3.95 18.41
CA VAL B 200 12.31 4.21 19.82
C VAL B 200 13.06 3.03 20.43
N THR B 201 14.03 3.35 21.27
CA THR B 201 14.82 2.34 21.96
C THR B 201 14.25 2.20 23.36
N VAL B 202 14.04 0.96 23.80
CA VAL B 202 13.50 0.70 25.13
C VAL B 202 14.21 -0.48 25.79
N PRO B 203 14.14 -0.58 27.12
CA PRO B 203 14.77 -1.69 27.85
C PRO B 203 14.16 -3.02 27.39
N SER B 204 14.99 -3.95 26.94
CA SER B 204 14.47 -5.24 26.47
C SER B 204 13.61 -5.92 27.53
N SER B 205 14.12 -5.99 28.75
CA SER B 205 13.39 -6.64 29.84
C SER B 205 12.12 -5.89 30.24
N SER B 206 11.81 -4.81 29.53
CA SER B 206 10.61 -4.02 29.85
C SER B 206 9.46 -4.30 28.88
N LEU B 207 9.74 -4.99 27.78
CA LEU B 207 8.70 -5.27 26.80
C LEU B 207 7.49 -5.97 27.43
N GLY B 208 6.30 -5.45 27.12
CA GLY B 208 5.08 -5.99 27.65
C GLY B 208 4.53 -5.12 28.76
N THR B 209 5.36 -4.25 29.33
CA THR B 209 4.92 -3.38 30.41
C THR B 209 3.95 -2.28 29.92
N GLN B 210 4.06 -1.89 28.65
CA GLN B 210 3.20 -0.84 28.10
C GLN B 210 3.02 -0.91 26.58
N THR B 211 2.34 0.07 26.01
CA THR B 211 2.14 0.08 24.56
C THR B 211 2.91 1.21 23.89
N TYR B 212 3.16 1.07 22.60
CA TYR B 212 3.88 2.07 21.83
C TYR B 212 3.11 2.35 20.54
N THR B 213 2.63 3.58 20.41
CA THR B 213 1.85 3.98 19.25
C THR B 213 2.50 5.17 18.57
N CYS B 214 2.75 5.07 17.28
CA CYS B 214 3.32 6.21 16.59
C CYS B 214 2.18 7.04 15.99
N ASN B 215 2.27 8.35 16.13
CA ASN B 215 1.26 9.25 15.61
C ASN B 215 1.86 9.97 14.42
N VAL B 216 1.46 9.58 13.22
CA VAL B 216 1.99 10.18 12.02
C VAL B 216 1.04 11.22 11.45
N ASN B 217 1.58 12.39 11.14
CA ASN B 217 0.76 13.45 10.59
C ASN B 217 1.37 13.98 9.29
N HIS B 218 0.58 13.97 8.24
CA HIS B 218 1.00 14.48 6.94
C HIS B 218 0.01 15.59 6.57
N LYS B 219 0.31 16.79 7.04
CA LYS B 219 -0.55 17.94 6.80
C LYS B 219 -0.91 18.20 5.33
N PRO B 220 0.07 18.13 4.42
CA PRO B 220 -0.21 18.37 2.99
C PRO B 220 -1.43 17.62 2.44
N SER B 221 -1.64 16.40 2.92
CA SER B 221 -2.77 15.62 2.45
C SER B 221 -3.82 15.49 3.56
N ASN B 222 -3.59 16.18 4.67
CA ASN B 222 -4.49 16.12 5.82
C ASN B 222 -4.77 14.65 6.17
N THR B 223 -3.69 13.92 6.46
CA THR B 223 -3.77 12.52 6.82
C THR B 223 -3.12 12.29 8.17
N LYS B 224 -3.80 11.56 9.04
CA LYS B 224 -3.28 11.24 10.35
C LYS B 224 -3.42 9.74 10.55
N VAL B 225 -2.35 9.12 11.05
CA VAL B 225 -2.34 7.70 11.30
C VAL B 225 -1.77 7.40 12.68
N ASP B 226 -2.47 6.57 13.46
CA ASP B 226 -2.02 6.13 14.76
C ASP B 226 -1.87 4.62 14.60
N LYS B 227 -0.65 4.12 14.74
CA LYS B 227 -0.38 2.70 14.60
C LYS B 227 0.38 2.14 15.79
N ARG B 228 -0.21 1.17 16.47
CA ARG B 228 0.44 0.55 17.61
C ARG B 228 1.45 -0.46 17.09
N VAL B 229 2.62 -0.49 17.71
CA VAL B 229 3.67 -1.41 17.30
C VAL B 229 3.83 -2.49 18.38
N GLU B 230 3.55 -3.74 18.04
CA GLU B 230 3.65 -4.82 19.01
C GLU B 230 4.86 -5.73 18.79
N LEU B 231 5.76 -5.80 19.77
CA LEU B 231 6.94 -6.66 19.68
C LEU B 231 6.72 -7.92 20.49
N LYS B 232 7.42 -8.99 20.12
CA LYS B 232 7.32 -10.24 20.85
C LYS B 232 8.03 -10.08 22.19
N THR B 233 7.37 -10.52 23.27
CA THR B 233 7.94 -10.44 24.62
C THR B 233 9.05 -11.46 24.83
N PRO B 234 10.18 -11.03 25.42
CA PRO B 234 11.32 -11.92 25.68
C PRO B 234 10.94 -13.24 26.35
N THR B 235 11.60 -14.32 25.93
CA THR B 235 11.37 -15.65 26.48
C THR B 235 12.53 -16.05 27.40
N LYS C 1 44.25 44.46 -25.04
CA LYS C 1 45.20 43.34 -24.80
C LYS C 1 44.84 42.57 -23.53
N GLY C 2 45.76 41.72 -23.07
CA GLY C 2 45.50 40.95 -21.87
C GLY C 2 45.21 39.49 -22.15
N VAL C 3 45.79 38.61 -21.35
CA VAL C 3 45.60 37.17 -21.49
C VAL C 3 44.39 36.71 -20.69
N ARG C 4 43.48 35.98 -21.34
CA ARG C 4 42.28 35.47 -20.69
C ARG C 4 42.42 33.98 -20.37
N ILE C 5 42.35 33.64 -19.08
CA ILE C 5 42.48 32.25 -18.65
C ILE C 5 41.12 31.75 -18.13
N GLY C 6 40.44 30.97 -18.95
CA GLY C 6 39.15 30.44 -18.56
C GLY C 6 38.44 29.81 -19.75
N PRO C 7 37.22 29.30 -19.58
CA PRO C 7 36.46 28.67 -20.66
C PRO C 7 36.01 29.62 -21.76
N GLY C 8 36.07 29.16 -23.00
CA GLY C 8 35.64 29.94 -24.13
C GLY C 8 36.33 31.29 -24.29
N GLN C 9 37.51 31.44 -23.71
CA GLN C 9 38.23 32.70 -23.79
C GLN C 9 39.16 32.79 -25.00
N ALA C 10 39.56 34.01 -25.32
CA ALA C 10 40.44 34.29 -26.45
C ALA C 10 41.62 33.33 -26.47
N GLN D 1 -21.64 -24.92 -9.44
CA GLN D 1 -21.06 -25.05 -8.07
C GLN D 1 -21.93 -25.86 -7.12
N SER D 2 -23.23 -25.55 -7.10
CA SER D 2 -24.16 -26.27 -6.23
C SER D 2 -24.68 -27.52 -6.93
N VAL D 3 -24.52 -28.67 -6.28
CA VAL D 3 -24.94 -29.95 -6.84
C VAL D 3 -26.35 -29.90 -7.41
N LEU D 4 -27.24 -29.16 -6.76
CA LEU D 4 -28.60 -29.02 -7.23
C LEU D 4 -28.77 -27.54 -7.59
N THR D 5 -29.52 -27.26 -8.65
CA THR D 5 -29.69 -25.88 -9.09
C THR D 5 -31.06 -25.27 -8.82
N GLN D 6 -31.05 -24.10 -8.19
CA GLN D 6 -32.28 -23.37 -7.88
C GLN D 6 -32.07 -21.92 -8.29
N PRO D 7 -33.15 -21.21 -8.61
CA PRO D 7 -32.99 -19.81 -8.99
C PRO D 7 -32.52 -19.05 -7.75
N PRO D 8 -31.61 -18.08 -7.93
CA PRO D 8 -31.11 -17.30 -6.79
C PRO D 8 -32.21 -16.76 -5.91
N SER D 9 -33.23 -16.17 -6.54
CA SER D 9 -34.33 -15.60 -5.78
C SER D 9 -35.64 -15.62 -6.55
N VAL D 10 -36.68 -15.11 -5.90
CA VAL D 10 -38.02 -15.03 -6.49
C VAL D 10 -38.91 -14.24 -5.53
N SER D 11 -39.92 -13.57 -6.07
CA SER D 11 -40.82 -12.79 -5.22
C SER D 11 -42.26 -12.80 -5.74
N ALA D 12 -43.18 -12.38 -4.88
CA ALA D 12 -44.60 -12.32 -5.19
C ALA D 12 -45.26 -11.55 -4.06
N ALA D 13 -46.48 -11.09 -4.29
CA ALA D 13 -47.20 -10.33 -3.27
C ALA D 13 -47.99 -11.24 -2.33
N PRO D 14 -48.38 -10.72 -1.16
CA PRO D 14 -49.13 -11.53 -0.20
C PRO D 14 -50.41 -12.04 -0.87
N GLY D 15 -50.78 -13.28 -0.59
CA GLY D 15 -51.98 -13.84 -1.17
C GLY D 15 -51.74 -14.56 -2.49
N GLN D 16 -50.62 -14.28 -3.13
CA GLN D 16 -50.30 -14.93 -4.39
C GLN D 16 -49.60 -16.26 -4.13
N LYS D 17 -49.14 -16.90 -5.21
CA LYS D 17 -48.44 -18.17 -5.12
C LYS D 17 -47.15 -18.11 -5.92
N VAL D 18 -46.21 -19.00 -5.60
CA VAL D 18 -44.94 -19.06 -6.30
C VAL D 18 -44.48 -20.50 -6.35
N THR D 19 -43.42 -20.75 -7.11
CA THR D 19 -42.87 -22.08 -7.23
C THR D 19 -41.37 -21.95 -7.26
N ILE D 20 -40.68 -22.96 -6.76
CA ILE D 20 -39.23 -22.92 -6.75
C ILE D 20 -38.76 -24.26 -7.30
N SER D 21 -38.02 -24.20 -8.40
CA SER D 21 -37.51 -25.39 -9.05
C SER D 21 -36.19 -25.86 -8.45
N CYS D 22 -35.86 -27.12 -8.73
CA CYS D 22 -34.64 -27.73 -8.23
C CYS D 22 -34.17 -28.73 -9.29
N SER D 23 -33.13 -28.37 -10.04
CA SER D 23 -32.60 -29.23 -11.10
C SER D 23 -31.46 -30.12 -10.63
N GLY D 24 -31.52 -31.39 -11.00
CA GLY D 24 -30.49 -32.34 -10.60
C GLY D 24 -30.14 -33.30 -11.72
N SER D 25 -29.69 -34.50 -11.37
CA SER D 25 -29.32 -35.50 -12.36
C SER D 25 -30.09 -36.81 -12.13
N SER D 26 -29.58 -37.89 -12.73
CA SER D 26 -30.21 -39.20 -12.58
C SER D 26 -29.62 -39.92 -11.38
N SER D 27 -28.55 -39.35 -10.83
CA SER D 27 -27.89 -39.94 -9.69
C SER D 27 -28.59 -39.55 -8.38
N ASN D 28 -28.94 -38.28 -8.25
CA ASN D 28 -29.61 -37.78 -7.05
C ASN D 28 -31.13 -37.70 -7.15
N ILE D 29 -31.65 -36.53 -7.52
CA ILE D 29 -33.09 -36.37 -7.63
C ILE D 29 -33.66 -37.49 -8.49
N GLY D 30 -32.89 -37.89 -9.49
CA GLY D 30 -33.33 -38.94 -10.39
C GLY D 30 -33.88 -40.18 -9.72
N ASN D 31 -33.04 -40.90 -8.97
CA ASN D 31 -33.48 -42.13 -8.32
C ASN D 31 -33.80 -42.01 -6.84
N ASN D 32 -33.83 -40.78 -6.31
CA ASN D 32 -34.10 -40.63 -4.88
C ASN D 32 -35.18 -39.61 -4.50
N TYR D 33 -35.56 -39.62 -3.23
CA TYR D 33 -36.60 -38.72 -2.72
C TYR D 33 -36.06 -37.34 -2.37
N VAL D 34 -36.85 -36.32 -2.67
CA VAL D 34 -36.47 -34.94 -2.42
C VAL D 34 -37.01 -34.35 -1.11
N LEU D 35 -36.21 -33.46 -0.52
CA LEU D 35 -36.57 -32.78 0.72
C LEU D 35 -36.54 -31.27 0.50
N TRP D 36 -37.34 -30.54 1.25
CA TRP D 36 -37.37 -29.09 1.14
C TRP D 36 -37.32 -28.48 2.54
N TYR D 37 -36.40 -27.52 2.72
CA TYR D 37 -36.20 -26.84 3.99
C TYR D 37 -36.46 -25.35 3.89
N GLN D 38 -36.98 -24.80 4.98
CA GLN D 38 -37.21 -23.36 5.09
C GLN D 38 -36.20 -22.93 6.14
N GLN D 39 -35.65 -21.73 6.01
CA GLN D 39 -34.68 -21.25 6.98
C GLN D 39 -34.72 -19.73 7.12
N PHE D 40 -34.93 -19.27 8.35
CA PHE D 40 -34.94 -17.85 8.66
C PHE D 40 -33.53 -17.46 9.07
N PRO D 41 -33.22 -16.17 9.08
CA PRO D 41 -31.87 -15.72 9.47
C PRO D 41 -31.46 -16.17 10.87
N GLY D 42 -30.24 -16.70 10.97
CA GLY D 42 -29.73 -17.16 12.25
C GLY D 42 -30.55 -18.26 12.92
N THR D 43 -31.31 -19.00 12.13
CA THR D 43 -32.14 -20.08 12.65
C THR D 43 -31.83 -21.38 11.91
N ALA D 44 -31.95 -22.50 12.60
CA ALA D 44 -31.70 -23.80 12.00
C ALA D 44 -32.73 -24.10 10.93
N PRO D 45 -32.32 -24.80 9.86
CA PRO D 45 -33.21 -25.17 8.75
C PRO D 45 -34.40 -25.99 9.25
N LYS D 46 -35.59 -25.70 8.74
CA LYS D 46 -36.80 -26.42 9.15
C LYS D 46 -37.37 -27.23 7.98
N LEU D 47 -37.64 -28.51 8.26
CA LEU D 47 -38.18 -29.41 7.24
C LEU D 47 -39.60 -29.04 6.84
N LEU D 48 -39.80 -28.78 5.55
CA LEU D 48 -41.12 -28.41 5.03
C LEU D 48 -41.75 -29.56 4.27
N ILE D 49 -40.91 -30.37 3.62
CA ILE D 49 -41.38 -31.49 2.82
C ILE D 49 -40.36 -32.62 2.68
N TYR D 50 -40.85 -33.86 2.78
CA TYR D 50 -40.00 -35.03 2.62
C TYR D 50 -40.72 -35.98 1.66
N GLY D 51 -40.05 -37.06 1.29
CA GLY D 51 -40.66 -38.01 0.37
C GLY D 51 -41.27 -37.33 -0.86
N ASN D 52 -40.58 -36.31 -1.37
CA ASN D 52 -41.03 -35.59 -2.55
C ASN D 52 -42.24 -34.68 -2.36
N ASN D 53 -43.28 -35.18 -1.69
CA ASN D 53 -44.49 -34.39 -1.52
C ASN D 53 -45.22 -34.52 -0.19
N LYS D 54 -44.56 -35.10 0.81
CA LYS D 54 -45.17 -35.26 2.12
C LYS D 54 -44.88 -34.07 3.04
N ARG D 55 -45.90 -33.68 3.81
CA ARG D 55 -45.76 -32.55 4.75
C ARG D 55 -45.68 -33.02 6.19
N PRO D 56 -44.65 -32.60 6.93
CA PRO D 56 -44.53 -33.01 8.32
C PRO D 56 -45.64 -32.31 9.11
N SER D 57 -46.01 -32.86 10.24
CA SER D 57 -47.06 -32.27 11.06
C SER D 57 -46.69 -30.82 11.36
N GLY D 58 -47.67 -29.92 11.22
CA GLY D 58 -47.41 -28.50 11.48
C GLY D 58 -47.28 -27.66 10.22
N ILE D 59 -46.86 -28.29 9.14
CA ILE D 59 -46.70 -27.59 7.87
C ILE D 59 -48.02 -27.62 7.13
N PRO D 60 -48.68 -26.46 6.96
CA PRO D 60 -49.97 -26.34 6.26
C PRO D 60 -49.90 -26.75 4.79
N ASP D 61 -51.05 -27.14 4.23
CA ASP D 61 -51.08 -27.56 2.83
C ASP D 61 -50.82 -26.42 1.84
N ARG D 62 -50.51 -25.24 2.37
CA ARG D 62 -50.18 -24.11 1.50
C ARG D 62 -48.89 -24.50 0.81
N PHE D 63 -48.11 -25.35 1.47
CA PHE D 63 -46.84 -25.82 0.95
C PHE D 63 -47.02 -27.18 0.30
N SER D 64 -46.50 -27.33 -0.91
CA SER D 64 -46.60 -28.60 -1.62
C SER D 64 -45.32 -28.84 -2.38
N GLY D 65 -45.04 -30.12 -2.63
CA GLY D 65 -43.84 -30.47 -3.36
C GLY D 65 -44.13 -31.52 -4.40
N SER D 66 -43.39 -31.48 -5.51
CA SER D 66 -43.56 -32.46 -6.57
C SER D 66 -42.20 -32.87 -7.14
N LYS D 67 -42.20 -33.88 -8.00
CA LYS D 67 -40.97 -34.35 -8.61
C LYS D 67 -41.25 -34.95 -9.98
N SER D 68 -40.64 -34.37 -11.01
CA SER D 68 -40.81 -34.85 -12.38
C SER D 68 -39.47 -35.25 -12.98
N GLY D 69 -39.15 -36.55 -12.89
CA GLY D 69 -37.90 -37.03 -13.45
C GLY D 69 -36.67 -36.70 -12.63
N THR D 70 -35.93 -35.69 -13.07
CA THR D 70 -34.71 -35.28 -12.38
C THR D 70 -34.82 -33.85 -11.83
N SER D 71 -36.02 -33.29 -11.89
CA SER D 71 -36.24 -31.94 -11.39
C SER D 71 -37.37 -31.94 -10.37
N ALA D 72 -37.16 -31.25 -9.25
CA ALA D 72 -38.17 -31.17 -8.19
C ALA D 72 -38.70 -29.76 -8.11
N THR D 73 -39.86 -29.60 -7.49
CA THR D 73 -40.48 -28.29 -7.37
C THR D 73 -41.17 -28.11 -6.03
N LEU D 74 -41.13 -26.87 -5.53
CA LEU D 74 -41.77 -26.53 -4.27
C LEU D 74 -42.80 -25.43 -4.54
N GLY D 75 -44.02 -25.59 -4.03
CA GLY D 75 -45.03 -24.59 -4.25
C GLY D 75 -45.53 -23.99 -2.95
N ILE D 76 -45.83 -22.69 -2.98
CA ILE D 76 -46.34 -22.00 -1.80
C ILE D 76 -47.51 -21.14 -2.24
N THR D 77 -48.69 -21.39 -1.66
CA THR D 77 -49.88 -20.63 -2.01
C THR D 77 -50.33 -19.73 -0.87
N GLY D 78 -51.13 -18.73 -1.17
CA GLY D 78 -51.60 -17.83 -0.14
C GLY D 78 -50.44 -17.25 0.65
N LEU D 79 -49.41 -16.83 -0.07
CA LEU D 79 -48.21 -16.25 0.52
C LEU D 79 -48.48 -15.21 1.59
N GLN D 80 -47.78 -15.31 2.71
CA GLN D 80 -47.89 -14.37 3.81
C GLN D 80 -46.51 -13.71 3.98
N THR D 81 -46.47 -12.51 4.55
CA THR D 81 -45.20 -11.84 4.75
C THR D 81 -44.28 -12.71 5.60
N GLY D 82 -44.87 -13.54 6.45
CA GLY D 82 -44.08 -14.41 7.30
C GLY D 82 -43.31 -15.50 6.56
N ASP D 83 -43.66 -15.73 5.29
CA ASP D 83 -42.98 -16.76 4.51
C ASP D 83 -41.68 -16.26 3.89
N GLU D 84 -41.38 -14.97 4.03
CA GLU D 84 -40.16 -14.44 3.47
C GLU D 84 -38.97 -15.10 4.15
N ALA D 85 -38.23 -15.91 3.39
CA ALA D 85 -37.10 -16.64 3.93
C ALA D 85 -36.35 -17.36 2.81
N ASP D 86 -35.38 -18.19 3.19
CA ASP D 86 -34.62 -18.96 2.23
C ASP D 86 -35.21 -20.37 2.16
N TYR D 87 -35.16 -20.96 0.97
CA TYR D 87 -35.69 -22.29 0.75
C TYR D 87 -34.69 -23.10 -0.09
N PHE D 88 -34.34 -24.29 0.37
CA PHE D 88 -33.44 -25.12 -0.40
C PHE D 88 -33.87 -26.57 -0.41
N CYS D 89 -33.61 -27.22 -1.54
CA CYS D 89 -33.94 -28.62 -1.72
C CYS D 89 -32.74 -29.47 -1.32
N ALA D 90 -32.97 -30.75 -1.15
CA ALA D 90 -31.92 -31.68 -0.77
C ALA D 90 -32.36 -33.10 -1.07
N THR D 91 -31.38 -34.00 -1.12
CA THR D 91 -31.61 -35.40 -1.37
C THR D 91 -30.25 -36.04 -1.23
N TRP D 92 -30.12 -37.31 -1.59
CA TRP D 92 -28.82 -37.97 -1.48
C TRP D 92 -28.40 -38.52 -2.83
N ASP D 93 -27.14 -38.92 -2.93
CA ASP D 93 -26.62 -39.47 -4.18
C ASP D 93 -26.63 -40.99 -4.12
N SER D 94 -26.95 -41.61 -5.25
CA SER D 94 -26.99 -43.07 -5.32
C SER D 94 -25.60 -43.67 -5.24
N GLY D 95 -24.58 -42.81 -5.42
CA GLY D 95 -23.21 -43.27 -5.36
C GLY D 95 -22.88 -44.03 -4.08
N LEU D 96 -21.71 -44.63 -4.03
CA LEU D 96 -21.28 -45.41 -2.86
C LEU D 96 -21.13 -44.58 -1.59
N SER D 97 -20.91 -43.29 -1.73
CA SER D 97 -20.74 -42.42 -0.57
C SER D 97 -22.11 -41.96 -0.05
N ALA D 98 -23.14 -42.14 -0.86
CA ALA D 98 -24.50 -41.75 -0.47
C ALA D 98 -24.46 -40.35 0.14
N ASP D 99 -23.84 -39.43 -0.58
CA ASP D 99 -23.71 -38.04 -0.13
C ASP D 99 -25.03 -37.29 -0.09
N TRP D 100 -25.20 -36.45 0.91
CA TRP D 100 -26.40 -35.62 0.96
C TRP D 100 -25.98 -34.52 -0.01
N VAL D 101 -26.90 -34.05 -0.85
CA VAL D 101 -26.56 -32.97 -1.77
C VAL D 101 -27.58 -31.88 -1.57
N PHE D 102 -27.21 -30.65 -1.90
CA PHE D 102 -28.12 -29.54 -1.66
C PHE D 102 -28.26 -28.57 -2.82
N GLY D 103 -29.40 -27.87 -2.83
CA GLY D 103 -29.64 -26.85 -3.83
C GLY D 103 -28.94 -25.63 -3.27
N GLY D 104 -28.71 -24.62 -4.09
CA GLY D 104 -28.03 -23.43 -3.62
C GLY D 104 -28.87 -22.59 -2.70
N GLY D 105 -30.19 -22.76 -2.77
CA GLY D 105 -31.07 -21.98 -1.94
C GLY D 105 -31.72 -20.86 -2.74
N THR D 106 -32.96 -20.54 -2.42
CA THR D 106 -33.67 -19.50 -3.14
C THR D 106 -34.27 -18.51 -2.14
N LYS D 107 -33.90 -17.24 -2.27
CA LYS D 107 -34.44 -16.24 -1.36
C LYS D 107 -35.78 -15.78 -1.88
N LEU D 108 -36.83 -16.10 -1.13
CA LEU D 108 -38.18 -15.69 -1.48
C LEU D 108 -38.53 -14.40 -0.75
N THR D 109 -38.89 -13.36 -1.51
CA THR D 109 -39.28 -12.09 -0.92
C THR D 109 -40.77 -11.95 -1.15
N VAL D 110 -41.48 -11.54 -0.10
CA VAL D 110 -42.93 -11.33 -0.19
C VAL D 110 -43.11 -9.83 -0.20
N LEU D 111 -43.23 -9.28 -1.39
CA LEU D 111 -43.38 -7.84 -1.63
C LEU D 111 -44.23 -7.12 -0.59
N SER D 112 -43.57 -6.29 0.21
CA SER D 112 -44.26 -5.53 1.25
C SER D 112 -44.10 -4.02 1.04
N GLN D 113 -43.56 -3.65 -0.13
CA GLN D 113 -43.38 -2.26 -0.49
C GLN D 113 -43.13 -2.17 -1.99
N PRO D 114 -43.30 -0.98 -2.58
CA PRO D 114 -43.11 -0.79 -4.03
C PRO D 114 -41.71 -1.17 -4.51
N LYS D 115 -41.61 -1.63 -5.75
CA LYS D 115 -40.32 -1.98 -6.32
C LYS D 115 -39.46 -0.73 -6.23
N ALA D 116 -38.15 -0.90 -6.10
CA ALA D 116 -37.24 0.24 -6.01
C ALA D 116 -35.97 -0.01 -6.80
N ALA D 117 -35.75 0.80 -7.84
CA ALA D 117 -34.55 0.66 -8.68
C ALA D 117 -33.33 1.11 -7.88
N PRO D 118 -32.19 0.43 -8.11
CA PRO D 118 -30.95 0.77 -7.40
C PRO D 118 -30.29 2.09 -7.78
N SER D 119 -29.82 2.81 -6.77
CA SER D 119 -29.12 4.07 -6.97
C SER D 119 -27.67 3.63 -7.11
N VAL D 120 -27.04 3.95 -8.23
CA VAL D 120 -25.66 3.55 -8.44
C VAL D 120 -24.70 4.74 -8.43
N THR D 121 -23.48 4.49 -7.98
CA THR D 121 -22.45 5.53 -7.92
C THR D 121 -21.14 4.85 -8.22
N LEU D 122 -20.44 5.34 -9.25
CA LEU D 122 -19.16 4.77 -9.63
C LEU D 122 -18.03 5.75 -9.36
N PHE D 123 -16.99 5.28 -8.71
CA PHE D 123 -15.83 6.11 -8.38
C PHE D 123 -14.58 5.57 -9.08
N PRO D 124 -13.75 6.47 -9.63
CA PRO D 124 -12.53 6.08 -10.32
C PRO D 124 -11.40 5.89 -9.31
N PRO D 125 -10.28 5.28 -9.71
CA PRO D 125 -9.19 5.11 -8.76
C PRO D 125 -8.68 6.51 -8.41
N SER D 126 -8.21 6.69 -7.18
CA SER D 126 -7.71 7.99 -6.76
C SER D 126 -6.26 8.14 -7.23
N SER D 127 -5.80 9.39 -7.31
CA SER D 127 -4.43 9.65 -7.73
C SER D 127 -3.50 9.06 -6.69
N GLU D 128 -3.95 9.01 -5.44
CA GLU D 128 -3.15 8.46 -4.35
C GLU D 128 -2.92 6.98 -4.51
N GLU D 129 -3.97 6.24 -4.88
CA GLU D 129 -3.82 4.81 -5.06
C GLU D 129 -2.96 4.51 -6.29
N LEU D 130 -3.20 5.23 -7.38
CA LEU D 130 -2.41 5.02 -8.59
C LEU D 130 -0.92 5.12 -8.25
N GLN D 131 -0.55 6.09 -7.43
CA GLN D 131 0.84 6.25 -7.05
C GLN D 131 1.32 5.12 -6.15
N ALA D 132 0.38 4.39 -5.54
CA ALA D 132 0.75 3.25 -4.70
C ALA D 132 0.87 2.04 -5.62
N ASN D 133 0.78 2.31 -6.92
CA ASN D 133 0.88 1.30 -7.98
C ASN D 133 -0.25 0.28 -7.96
N LYS D 134 -1.47 0.77 -7.76
CA LYS D 134 -2.66 -0.06 -7.73
C LYS D 134 -3.84 0.78 -8.23
N ALA D 135 -4.93 0.14 -8.59
CA ALA D 135 -6.11 0.85 -9.07
C ALA D 135 -7.35 0.05 -8.72
N THR D 136 -8.38 0.73 -8.23
CA THR D 136 -9.62 0.09 -7.85
C THR D 136 -10.82 0.95 -8.23
N LEU D 137 -11.76 0.40 -8.97
CA LEU D 137 -12.96 1.16 -9.32
C LEU D 137 -14.01 0.68 -8.33
N VAL D 138 -14.77 1.62 -7.77
CA VAL D 138 -15.78 1.29 -6.77
C VAL D 138 -17.19 1.59 -7.25
N CYS D 139 -18.04 0.57 -7.27
CA CYS D 139 -19.42 0.70 -7.70
C CYS D 139 -20.35 0.44 -6.52
N LEU D 140 -20.90 1.50 -5.94
CA LEU D 140 -21.78 1.38 -4.80
C LEU D 140 -23.25 1.35 -5.22
N ILE D 141 -23.94 0.31 -4.80
CA ILE D 141 -25.34 0.09 -5.15
C ILE D 141 -26.21 0.10 -3.90
N SER D 142 -27.20 0.99 -3.87
CA SER D 142 -28.06 1.11 -2.72
C SER D 142 -29.54 1.38 -3.02
N ASP D 143 -30.34 1.29 -1.97
CA ASP D 143 -31.78 1.53 -2.02
C ASP D 143 -32.63 0.72 -2.99
N PHE D 144 -32.30 -0.56 -3.21
CA PHE D 144 -33.11 -1.36 -4.11
C PHE D 144 -33.97 -2.37 -3.36
N TYR D 145 -35.08 -2.76 -3.99
CA TYR D 145 -36.03 -3.72 -3.40
C TYR D 145 -36.83 -4.40 -4.53
N PRO D 146 -36.89 -5.74 -4.54
CA PRO D 146 -36.26 -6.71 -3.63
C PRO D 146 -34.72 -6.71 -3.63
N GLY D 147 -34.14 -7.41 -2.67
CA GLY D 147 -32.70 -7.44 -2.53
C GLY D 147 -31.87 -8.35 -3.41
N ALA D 148 -31.92 -8.14 -4.72
CA ALA D 148 -31.15 -8.96 -5.64
C ALA D 148 -30.75 -8.15 -6.87
N VAL D 149 -29.46 -8.24 -7.24
CA VAL D 149 -28.97 -7.52 -8.41
C VAL D 149 -27.92 -8.34 -9.13
N THR D 150 -27.58 -7.88 -10.34
CA THR D 150 -26.58 -8.52 -11.17
C THR D 150 -25.60 -7.42 -11.53
N VAL D 151 -24.31 -7.71 -11.45
CA VAL D 151 -23.30 -6.69 -11.77
C VAL D 151 -22.30 -7.12 -12.84
N ALA D 152 -22.22 -6.35 -13.92
CA ALA D 152 -21.29 -6.65 -15.00
C ALA D 152 -20.43 -5.43 -15.35
N TRP D 153 -19.12 -5.63 -15.43
CA TRP D 153 -18.19 -4.55 -15.74
C TRP D 153 -17.77 -4.48 -17.21
N LYS D 154 -17.72 -3.27 -17.75
CA LYS D 154 -17.31 -3.02 -19.13
C LYS D 154 -15.92 -2.38 -19.16
N ALA D 155 -15.05 -2.88 -20.03
CA ALA D 155 -13.70 -2.34 -20.17
C ALA D 155 -13.78 -1.05 -20.99
N ASP D 156 -14.28 -1.19 -22.22
CA ASP D 156 -14.46 -0.04 -23.11
C ASP D 156 -15.91 -0.13 -23.55
N SER D 157 -16.33 -1.34 -23.86
CA SER D 157 -17.69 -1.63 -24.30
C SER D 157 -17.82 -3.15 -24.29
N SER D 158 -16.72 -3.82 -23.94
CA SER D 158 -16.69 -5.28 -23.86
C SER D 158 -16.65 -5.72 -22.41
N PRO D 159 -17.13 -6.95 -22.13
CA PRO D 159 -17.16 -7.50 -20.77
C PRO D 159 -15.80 -7.64 -20.10
N VAL D 160 -15.81 -7.56 -18.78
CA VAL D 160 -14.60 -7.69 -17.97
C VAL D 160 -14.90 -8.63 -16.82
N LYS D 161 -14.22 -9.78 -16.77
CA LYS D 161 -14.47 -10.73 -15.69
C LYS D 161 -13.39 -10.73 -14.61
N ALA D 162 -12.13 -10.79 -15.02
CA ALA D 162 -11.03 -10.82 -14.06
C ALA D 162 -10.97 -9.58 -13.17
N GLY D 163 -10.50 -9.77 -11.94
CA GLY D 163 -10.37 -8.67 -10.99
C GLY D 163 -11.64 -8.14 -10.36
N VAL D 164 -12.77 -8.78 -10.62
CA VAL D 164 -14.04 -8.35 -10.07
C VAL D 164 -14.45 -9.12 -8.81
N GLU D 165 -14.90 -8.38 -7.80
CA GLU D 165 -15.35 -8.97 -6.56
C GLU D 165 -16.57 -8.19 -6.13
N THR D 166 -17.71 -8.88 -6.04
CA THR D 166 -18.95 -8.24 -5.64
C THR D 166 -19.50 -8.84 -4.36
N THR D 167 -20.07 -8.00 -3.51
CA THR D 167 -20.62 -8.44 -2.25
C THR D 167 -22.03 -8.95 -2.42
N THR D 168 -22.45 -9.77 -1.46
CA THR D 168 -23.80 -10.30 -1.45
C THR D 168 -24.69 -9.11 -1.12
N PRO D 169 -26.00 -9.20 -1.44
CA PRO D 169 -26.87 -8.07 -1.13
C PRO D 169 -27.01 -7.96 0.38
N SER D 170 -27.21 -6.74 0.88
CA SER D 170 -27.32 -6.52 2.31
C SER D 170 -28.45 -5.55 2.64
N LYS D 171 -29.23 -5.87 3.67
CA LYS D 171 -30.36 -5.01 4.04
C LYS D 171 -29.94 -3.76 4.80
N GLN D 172 -30.44 -2.61 4.32
CA GLN D 172 -30.14 -1.31 4.91
C GLN D 172 -31.04 -1.05 6.12
N SER D 173 -30.86 0.12 6.72
CA SER D 173 -31.66 0.51 7.89
C SER D 173 -33.11 0.75 7.48
N ASN D 174 -33.32 1.12 6.22
CA ASN D 174 -34.66 1.40 5.70
C ASN D 174 -35.28 0.20 4.98
N ASN D 175 -34.85 -1.01 5.33
CA ASN D 175 -35.37 -2.23 4.72
C ASN D 175 -35.12 -2.41 3.25
N LYS D 176 -34.48 -1.44 2.61
CA LYS D 176 -34.15 -1.58 1.19
C LYS D 176 -32.78 -2.26 1.22
N TYR D 177 -32.24 -2.64 0.06
CA TYR D 177 -30.94 -3.31 0.05
C TYR D 177 -29.76 -2.57 -0.57
N ALA D 178 -28.56 -3.01 -0.21
CA ALA D 178 -27.32 -2.44 -0.70
C ALA D 178 -26.34 -3.53 -1.10
N ALA D 179 -25.35 -3.15 -1.89
CA ALA D 179 -24.32 -4.06 -2.35
C ALA D 179 -23.24 -3.20 -2.99
N SER D 180 -22.06 -3.78 -3.18
CA SER D 180 -20.98 -3.05 -3.80
C SER D 180 -20.11 -3.99 -4.63
N SER D 181 -19.51 -3.46 -5.69
CA SER D 181 -18.65 -4.26 -6.55
C SER D 181 -17.34 -3.52 -6.83
N TYR D 182 -16.23 -4.25 -6.74
CA TYR D 182 -14.91 -3.67 -6.95
C TYR D 182 -14.14 -4.27 -8.13
N LEU D 183 -13.66 -3.40 -9.01
CA LEU D 183 -12.88 -3.85 -10.16
C LEU D 183 -11.43 -3.42 -10.00
N SER D 184 -10.55 -4.39 -9.75
CA SER D 184 -9.13 -4.12 -9.58
C SER D 184 -8.46 -4.00 -10.94
N LEU D 185 -7.41 -3.18 -11.01
CA LEU D 185 -6.68 -2.99 -12.25
C LEU D 185 -5.24 -2.56 -11.97
N THR D 186 -4.45 -2.49 -13.02
CA THR D 186 -3.07 -2.05 -12.89
C THR D 186 -3.15 -0.60 -13.35
N PRO D 187 -2.25 0.27 -12.88
CA PRO D 187 -2.32 1.66 -13.30
C PRO D 187 -2.36 1.77 -14.84
N GLU D 188 -1.62 0.90 -15.52
CA GLU D 188 -1.59 0.91 -16.98
C GLU D 188 -2.96 0.60 -17.59
N GLN D 189 -3.61 -0.47 -17.12
CA GLN D 189 -4.93 -0.83 -17.62
C GLN D 189 -5.89 0.34 -17.54
N TRP D 190 -5.93 0.99 -16.38
CA TRP D 190 -6.79 2.14 -16.17
C TRP D 190 -6.53 3.23 -17.21
N LYS D 191 -5.25 3.55 -17.41
CA LYS D 191 -4.83 4.58 -18.36
C LYS D 191 -5.15 4.23 -19.82
N SER D 192 -4.87 2.99 -20.21
CA SER D 192 -5.12 2.52 -21.56
C SER D 192 -6.54 2.79 -22.05
N HIS D 193 -7.46 1.90 -21.67
CA HIS D 193 -8.85 1.99 -22.07
C HIS D 193 -9.45 3.39 -22.01
N ARG D 194 -10.45 3.63 -22.85
CA ARG D 194 -11.12 4.92 -22.92
C ARG D 194 -11.99 5.19 -21.71
N SER D 195 -12.73 4.18 -21.27
CA SER D 195 -13.60 4.35 -20.11
C SER D 195 -14.19 3.01 -19.63
N TYR D 196 -14.40 2.91 -18.31
CA TYR D 196 -14.96 1.70 -17.72
C TYR D 196 -16.40 1.95 -17.28
N SER D 197 -17.19 0.88 -17.21
CA SER D 197 -18.59 1.02 -16.81
C SER D 197 -19.08 -0.06 -15.84
N CYS D 198 -20.02 0.33 -15.00
CA CYS D 198 -20.62 -0.57 -14.02
C CYS D 198 -22.12 -0.55 -14.28
N GLN D 199 -22.68 -1.70 -14.62
CA GLN D 199 -24.11 -1.80 -14.88
C GLN D 199 -24.77 -2.82 -13.96
N VAL D 200 -25.76 -2.35 -13.21
CA VAL D 200 -26.50 -3.16 -12.26
C VAL D 200 -27.88 -3.49 -12.79
N THR D 201 -28.18 -4.78 -12.89
CA THR D 201 -29.49 -5.21 -13.38
C THR D 201 -30.39 -5.59 -12.19
N HIS D 202 -31.54 -4.93 -12.10
CA HIS D 202 -32.49 -5.18 -11.03
C HIS D 202 -33.92 -5.27 -11.57
N GLU D 203 -34.55 -6.41 -11.37
CA GLU D 203 -35.91 -6.62 -11.84
C GLU D 203 -36.02 -6.23 -13.32
N GLY D 204 -35.19 -6.87 -14.15
CA GLY D 204 -35.23 -6.59 -15.57
C GLY D 204 -34.49 -5.34 -16.02
N SER D 205 -34.89 -4.19 -15.46
CA SER D 205 -34.27 -2.92 -15.82
C SER D 205 -32.81 -2.82 -15.38
N THR D 206 -32.01 -2.10 -16.15
CA THR D 206 -30.60 -1.92 -15.83
C THR D 206 -30.23 -0.45 -15.66
N VAL D 207 -29.30 -0.20 -14.76
CA VAL D 207 -28.82 1.15 -14.50
C VAL D 207 -27.31 1.05 -14.64
N GLU D 208 -26.75 1.91 -15.50
CA GLU D 208 -25.31 1.90 -15.75
C GLU D 208 -24.64 3.19 -15.28
N LYS D 209 -23.32 3.14 -15.14
CA LYS D 209 -22.53 4.29 -14.71
C LYS D 209 -21.17 4.12 -15.36
N THR D 210 -20.56 5.24 -15.77
CA THR D 210 -19.27 5.19 -16.44
C THR D 210 -18.29 6.26 -15.98
N VAL D 211 -17.00 5.96 -16.08
CA VAL D 211 -15.94 6.88 -15.72
C VAL D 211 -14.85 6.79 -16.78
N ALA D 212 -14.28 7.94 -17.15
CA ALA D 212 -13.22 7.99 -18.16
C ALA D 212 -11.92 8.55 -17.60
N PRO D 213 -10.82 7.79 -17.70
CA PRO D 213 -9.51 8.20 -17.20
C PRO D 213 -9.13 9.62 -17.60
N THR D 214 -9.60 10.05 -18.78
CA THR D 214 -9.30 11.39 -19.27
C THR D 214 -10.13 12.45 -18.58
N GLU D 215 -11.33 12.07 -18.14
CA GLU D 215 -12.22 13.00 -17.47
C GLU D 215 -11.70 13.34 -16.07
N CYS D 216 -10.84 12.46 -15.53
CA CYS D 216 -10.26 12.67 -14.22
C CYS D 216 -8.87 12.05 -14.11
N GLU E 1 -35.21 -29.63 24.49
CA GLU E 1 -33.83 -29.10 24.64
C GLU E 1 -32.82 -29.94 23.87
N VAL E 2 -33.08 -30.13 22.58
CA VAL E 2 -32.21 -30.90 21.72
C VAL E 2 -31.28 -29.92 21.02
N GLN E 3 -29.97 -30.18 21.04
CA GLN E 3 -29.02 -29.28 20.38
C GLN E 3 -27.65 -29.86 20.09
N LEU E 4 -26.98 -29.22 19.14
CA LEU E 4 -25.62 -29.58 18.73
C LEU E 4 -24.81 -28.29 18.76
N VAL E 5 -23.65 -28.33 19.41
CA VAL E 5 -22.80 -27.16 19.49
C VAL E 5 -21.39 -27.50 19.05
N GLU E 6 -20.91 -26.84 17.99
CA GLU E 6 -19.58 -27.11 17.53
C GLU E 6 -18.62 -26.01 17.93
N SER E 7 -17.33 -26.34 17.94
CA SER E 7 -16.29 -25.38 18.29
C SER E 7 -14.98 -25.85 17.69
N GLY E 8 -13.94 -25.05 17.84
CA GLY E 8 -12.63 -25.43 17.33
C GLY E 8 -12.23 -24.69 16.05
N GLY E 9 -13.16 -23.95 15.47
CA GLY E 9 -12.86 -23.22 14.25
C GLY E 9 -11.83 -22.11 14.47
N GLY E 10 -11.23 -21.64 13.39
CA GLY E 10 -10.25 -20.58 13.53
C GLY E 10 -9.46 -20.33 12.24
N LEU E 11 -8.41 -19.53 12.35
CA LEU E 11 -7.56 -19.21 11.21
C LEU E 11 -6.45 -20.26 11.12
N VAL E 12 -6.18 -20.73 9.90
CA VAL E 12 -5.16 -21.75 9.69
C VAL E 12 -4.50 -21.54 8.33
N LYS E 13 -3.17 -21.63 8.30
CA LYS E 13 -2.42 -21.45 7.06
C LYS E 13 -2.67 -22.64 6.15
N PRO E 14 -2.66 -22.42 4.83
CA PRO E 14 -2.89 -23.53 3.89
C PRO E 14 -1.92 -24.68 4.17
N GLY E 15 -2.39 -25.91 4.00
CA GLY E 15 -1.54 -27.06 4.25
C GLY E 15 -1.50 -27.41 5.72
N GLY E 16 -2.15 -26.60 6.55
CA GLY E 16 -2.17 -26.85 7.98
C GLY E 16 -3.29 -27.79 8.37
N SER E 17 -3.50 -27.97 9.67
CA SER E 17 -4.55 -28.85 10.17
C SER E 17 -5.34 -28.22 11.31
N LEU E 18 -6.53 -28.75 11.55
CA LEU E 18 -7.41 -28.25 12.61
C LEU E 18 -8.44 -29.31 12.97
N ARG E 19 -8.78 -29.41 14.25
CA ARG E 19 -9.75 -30.38 14.72
C ARG E 19 -10.98 -29.73 15.35
N LEU E 20 -12.14 -29.98 14.76
CA LEU E 20 -13.39 -29.43 15.26
C LEU E 20 -14.10 -30.44 16.17
N THR E 21 -14.85 -29.92 17.14
CA THR E 21 -15.59 -30.76 18.06
C THR E 21 -17.05 -30.31 18.05
N CYS E 22 -17.95 -31.28 18.20
CA CYS E 22 -19.38 -31.01 18.20
C CYS E 22 -20.02 -31.81 19.32
N VAL E 23 -20.49 -31.11 20.35
CA VAL E 23 -21.11 -31.76 21.49
C VAL E 23 -22.62 -31.76 21.36
N ALA E 24 -23.23 -32.92 21.58
CA ALA E 24 -24.68 -33.04 21.48
C ALA E 24 -25.30 -33.14 22.87
N SER E 25 -26.59 -32.87 22.95
CA SER E 25 -27.30 -32.93 24.22
C SER E 25 -28.81 -32.85 23.97
N GLY E 26 -29.58 -33.57 24.78
CA GLY E 26 -31.02 -33.54 24.62
C GLY E 26 -31.64 -34.76 23.96
N PHE E 27 -30.81 -35.70 23.54
CA PHE E 27 -31.30 -36.92 22.90
C PHE E 27 -30.30 -38.06 23.08
N THR E 28 -30.67 -39.25 22.62
CA THR E 28 -29.78 -40.40 22.73
C THR E 28 -28.75 -40.36 21.61
N PHE E 29 -27.58 -39.82 21.95
CA PHE E 29 -26.48 -39.65 21.01
C PHE E 29 -26.10 -40.91 20.23
N SER E 30 -25.85 -41.99 20.94
CA SER E 30 -25.42 -43.25 20.32
C SER E 30 -26.31 -43.83 19.23
N ASP E 31 -27.61 -43.54 19.29
CA ASP E 31 -28.54 -44.09 18.30
C ASP E 31 -28.65 -43.37 16.97
N VAL E 32 -27.99 -42.23 16.81
CA VAL E 32 -28.10 -41.50 15.55
C VAL E 32 -26.86 -41.36 14.70
N TRP E 33 -27.11 -41.16 13.40
CA TRP E 33 -26.06 -40.94 12.41
C TRP E 33 -25.73 -39.46 12.49
N LEU E 34 -24.47 -39.11 12.27
CA LEU E 34 -24.04 -37.71 12.32
C LEU E 34 -23.33 -37.28 11.04
N ASN E 35 -23.59 -36.04 10.63
CA ASN E 35 -22.98 -35.49 9.42
C ASN E 35 -22.21 -34.22 9.72
N TRP E 36 -21.35 -33.87 8.78
CA TRP E 36 -20.58 -32.64 8.85
C TRP E 36 -20.90 -31.97 7.52
N VAL E 37 -21.40 -30.74 7.57
CA VAL E 37 -21.70 -30.00 6.36
C VAL E 37 -20.91 -28.70 6.45
N ARG E 38 -20.75 -28.01 5.33
CA ARG E 38 -20.01 -26.76 5.33
C ARG E 38 -20.58 -25.82 4.28
N GLN E 39 -20.42 -24.53 4.51
CA GLN E 39 -20.93 -23.54 3.58
C GLN E 39 -20.00 -22.35 3.49
N ALA E 40 -19.59 -22.04 2.27
CA ALA E 40 -18.70 -20.92 2.01
C ALA E 40 -19.54 -19.67 1.81
N PRO E 41 -19.03 -18.52 2.25
CA PRO E 41 -19.80 -17.28 2.09
C PRO E 41 -20.17 -17.07 0.61
N GLY E 42 -21.47 -17.02 0.33
CA GLY E 42 -21.92 -16.82 -1.03
C GLY E 42 -22.11 -18.10 -1.82
N LYS E 43 -21.83 -19.23 -1.19
CA LYS E 43 -21.97 -20.52 -1.85
C LYS E 43 -23.04 -21.35 -1.13
N GLY E 44 -23.43 -22.46 -1.72
CA GLY E 44 -24.45 -23.31 -1.11
C GLY E 44 -23.86 -24.39 -0.21
N LEU E 45 -24.72 -24.99 0.60
CA LEU E 45 -24.31 -26.05 1.52
C LEU E 45 -23.66 -27.23 0.79
N GLU E 46 -22.66 -27.81 1.43
CA GLU E 46 -21.95 -28.96 0.90
C GLU E 46 -21.78 -29.99 2.01
N TRP E 47 -22.03 -31.25 1.66
CA TRP E 47 -21.91 -32.34 2.61
C TRP E 47 -20.44 -32.73 2.67
N VAL E 48 -19.93 -32.91 3.88
CA VAL E 48 -18.54 -33.27 4.07
C VAL E 48 -18.37 -34.74 4.38
N GLY E 49 -19.26 -35.28 5.21
CA GLY E 49 -19.18 -36.68 5.56
C GLY E 49 -20.20 -37.10 6.61
N ARG E 50 -20.11 -38.36 7.03
CA ARG E 50 -21.00 -38.90 8.05
C ARG E 50 -20.33 -40.04 8.79
N ILE E 51 -20.88 -40.36 9.95
CA ILE E 51 -20.40 -41.49 10.73
C ILE E 51 -21.64 -42.17 11.29
N LYS E 52 -21.96 -43.33 10.72
CA LYS E 52 -23.12 -44.10 11.15
C LYS E 52 -23.00 -44.44 12.63
N SER E 53 -24.09 -44.88 13.24
CA SER E 53 -24.08 -45.23 14.65
C SER E 53 -23.39 -46.57 14.85
N ARG E 54 -23.03 -46.86 16.08
CA ARG E 54 -22.37 -48.12 16.41
C ARG E 54 -23.24 -49.29 15.99
N THR E 55 -24.53 -49.17 16.24
CA THR E 55 -25.50 -50.21 15.89
C THR E 55 -25.44 -50.56 14.41
N ASP E 56 -25.07 -49.58 13.58
CA ASP E 56 -25.00 -49.82 12.15
C ASP E 56 -23.57 -49.92 11.63
N GLY E 57 -22.63 -50.28 12.50
CA GLY E 57 -21.26 -50.43 12.08
C GLY E 57 -20.31 -49.34 12.55
N GLY E 58 -20.77 -48.10 12.53
CA GLY E 58 -19.93 -46.99 12.96
C GLY E 58 -18.97 -46.56 11.86
N THR E 59 -19.30 -46.92 10.63
CA THR E 59 -18.46 -46.57 9.49
C THR E 59 -18.63 -45.11 9.06
N THR E 60 -17.70 -44.62 8.26
CA THR E 60 -17.71 -43.24 7.79
C THR E 60 -17.72 -43.12 6.27
N ASP E 61 -18.32 -42.04 5.77
CA ASP E 61 -18.39 -41.78 4.34
C ASP E 61 -17.93 -40.34 4.15
N TYR E 62 -17.19 -40.08 3.08
CA TYR E 62 -16.67 -38.75 2.83
C TYR E 62 -17.01 -38.22 1.46
N ALA E 63 -16.97 -36.90 1.33
CA ALA E 63 -17.24 -36.24 0.06
C ALA E 63 -15.95 -36.30 -0.73
N ALA E 64 -16.04 -36.54 -2.02
CA ALA E 64 -14.86 -36.63 -2.86
C ALA E 64 -13.88 -35.49 -2.58
N SER E 65 -14.39 -34.27 -2.44
CA SER E 65 -13.57 -33.09 -2.21
C SER E 65 -12.68 -33.12 -0.96
N VAL E 66 -12.96 -34.01 -0.01
CA VAL E 66 -12.15 -34.05 1.20
C VAL E 66 -11.61 -35.42 1.59
N LYS E 67 -11.85 -36.43 0.76
CA LYS E 67 -11.38 -37.77 1.08
C LYS E 67 -9.87 -37.82 1.21
N GLY E 68 -9.39 -38.50 2.26
CA GLY E 68 -7.96 -38.61 2.48
C GLY E 68 -7.39 -37.55 3.41
N ARG E 69 -8.04 -36.40 3.46
CA ARG E 69 -7.58 -35.30 4.30
C ARG E 69 -8.39 -35.14 5.58
N PHE E 70 -9.70 -35.34 5.49
CA PHE E 70 -10.59 -35.21 6.64
C PHE E 70 -10.94 -36.55 7.29
N THR E 71 -10.95 -36.57 8.62
CA THR E 71 -11.27 -37.78 9.37
C THR E 71 -12.37 -37.55 10.39
N ILE E 72 -13.50 -38.22 10.20
CA ILE E 72 -14.63 -38.10 11.11
C ILE E 72 -14.62 -39.25 12.12
N SER E 73 -14.85 -38.92 13.39
CA SER E 73 -14.88 -39.93 14.44
C SER E 73 -15.89 -39.49 15.49
N ARG E 74 -16.21 -40.38 16.42
CA ARG E 74 -17.17 -40.06 17.47
C ARG E 74 -16.80 -40.75 18.77
N ASP E 75 -17.22 -40.15 19.88
CA ASP E 75 -16.96 -40.69 21.21
C ASP E 75 -18.30 -40.65 21.94
N ASP E 76 -19.03 -41.76 21.91
CA ASP E 76 -20.33 -41.80 22.56
C ASP E 76 -20.32 -41.58 24.07
N SER E 77 -19.23 -41.98 24.73
CA SER E 77 -19.14 -41.80 26.17
C SER E 77 -19.23 -40.33 26.56
N LYS E 78 -18.93 -39.44 25.62
CA LYS E 78 -19.00 -38.01 25.90
C LYS E 78 -19.79 -37.25 24.84
N ASN E 79 -20.83 -37.88 24.30
CA ASN E 79 -21.70 -37.29 23.29
C ASN E 79 -21.00 -36.33 22.35
N THR E 80 -19.80 -36.68 21.91
CA THR E 80 -19.05 -35.79 21.03
C THR E 80 -18.76 -36.37 19.65
N LEU E 81 -18.83 -35.50 18.65
CA LEU E 81 -18.55 -35.85 17.26
C LEU E 81 -17.31 -35.04 16.88
N TYR E 82 -16.37 -35.65 16.16
CA TYR E 82 -15.14 -34.95 15.77
C TYR E 82 -14.91 -34.88 14.27
N LEU E 83 -14.07 -33.92 13.88
CA LEU E 83 -13.69 -33.75 12.48
C LEU E 83 -12.24 -33.27 12.48
N GLN E 84 -11.32 -34.19 12.21
CA GLN E 84 -9.90 -33.87 12.16
C GLN E 84 -9.61 -33.49 10.72
N MET E 85 -9.11 -32.27 10.52
CA MET E 85 -8.82 -31.78 9.17
C MET E 85 -7.32 -31.57 8.94
N ASN E 86 -6.77 -32.28 7.96
CA ASN E 86 -5.35 -32.14 7.63
C ASN E 86 -5.20 -31.63 6.19
N SER E 87 -4.03 -31.10 5.87
CA SER E 87 -3.77 -30.59 4.52
C SER E 87 -4.87 -29.63 4.08
N LEU E 88 -5.20 -28.68 4.94
CA LEU E 88 -6.25 -27.71 4.63
C LEU E 88 -5.92 -26.85 3.41
N LYS E 89 -6.94 -26.59 2.60
CA LYS E 89 -6.79 -25.79 1.40
C LYS E 89 -7.66 -24.54 1.57
N THR E 90 -7.33 -23.47 0.87
CA THR E 90 -8.12 -22.24 1.00
C THR E 90 -9.58 -22.50 0.68
N GLU E 91 -9.86 -23.40 -0.25
CA GLU E 91 -11.25 -23.69 -0.61
C GLU E 91 -11.97 -24.52 0.46
N ASP E 92 -11.27 -24.83 1.54
CA ASP E 92 -11.88 -25.56 2.66
C ASP E 92 -12.46 -24.52 3.61
N THR E 93 -12.26 -23.24 3.27
CA THR E 93 -12.76 -22.15 4.09
C THR E 93 -14.28 -22.12 4.11
N ALA E 94 -14.85 -22.10 5.31
CA ALA E 94 -16.32 -22.08 5.44
C ALA E 94 -16.77 -22.23 6.88
N VAL E 95 -18.08 -22.22 7.04
CA VAL E 95 -18.70 -22.42 8.34
C VAL E 95 -19.04 -23.92 8.35
N TYR E 96 -18.51 -24.63 9.34
CA TYR E 96 -18.73 -26.05 9.48
C TYR E 96 -19.79 -26.33 10.53
N SER E 97 -20.80 -27.12 10.15
CA SER E 97 -21.88 -27.47 11.05
C SER E 97 -22.06 -28.98 11.15
N CYS E 98 -22.49 -29.43 12.32
CA CYS E 98 -22.76 -30.85 12.50
C CYS E 98 -24.28 -30.97 12.52
N THR E 99 -24.78 -32.10 12.03
CA THR E 99 -26.21 -32.36 12.00
C THR E 99 -26.41 -33.83 12.31
N THR E 100 -27.64 -34.18 12.67
CA THR E 100 -27.97 -35.57 12.96
C THR E 100 -28.93 -36.01 11.88
N ASP E 101 -28.93 -37.30 11.56
CA ASP E 101 -29.87 -37.81 10.59
C ASP E 101 -31.13 -38.14 11.38
N GLY E 102 -32.23 -37.48 11.06
CA GLY E 102 -33.48 -37.72 11.74
C GLY E 102 -34.43 -38.48 10.83
N PHE E 103 -35.64 -38.71 11.29
CA PHE E 103 -36.60 -39.43 10.47
C PHE E 103 -38.05 -39.21 10.83
N ILE E 104 -38.90 -39.38 9.82
CA ILE E 104 -40.35 -39.26 9.96
C ILE E 104 -40.86 -40.64 9.61
N MET E 105 -41.47 -41.33 10.57
CA MET E 105 -41.99 -42.66 10.31
C MET E 105 -43.47 -42.64 9.96
N ILE E 106 -43.81 -43.34 8.88
CA ILE E 106 -45.19 -43.45 8.43
C ILE E 106 -45.58 -44.91 8.52
N ARG E 107 -46.48 -45.22 9.44
CA ARG E 107 -46.92 -46.60 9.62
C ARG E 107 -47.82 -47.01 8.46
N GLY E 108 -47.31 -47.93 7.65
CA GLY E 108 -48.06 -48.41 6.51
C GLY E 108 -48.94 -49.59 6.87
N VAL E 109 -49.46 -50.28 5.86
CA VAL E 109 -50.34 -51.42 6.09
C VAL E 109 -49.54 -52.63 6.60
N SER E 110 -48.50 -53.00 5.87
CA SER E 110 -47.68 -54.14 6.24
C SER E 110 -46.35 -53.75 6.87
N GLU E 111 -45.77 -52.65 6.41
CA GLU E 111 -44.49 -52.21 6.94
C GLU E 111 -44.47 -50.76 7.40
N ASP E 112 -43.47 -50.43 8.18
CA ASP E 112 -43.29 -49.07 8.69
C ASP E 112 -42.21 -48.43 7.82
N TYR E 113 -42.39 -47.16 7.49
CA TYR E 113 -41.41 -46.46 6.66
C TYR E 113 -40.73 -45.34 7.41
N TYR E 114 -39.41 -45.29 7.28
CA TYR E 114 -38.62 -44.27 7.94
C TYR E 114 -37.95 -43.37 6.91
N TYR E 115 -38.48 -42.15 6.76
CA TYR E 115 -37.90 -41.20 5.83
C TYR E 115 -36.85 -40.41 6.61
N TYR E 116 -35.62 -40.41 6.14
CA TYR E 116 -34.56 -39.70 6.85
C TYR E 116 -34.24 -38.33 6.27
N TYR E 117 -33.79 -37.43 7.16
CA TYR E 117 -33.42 -36.07 6.78
C TYR E 117 -32.49 -35.49 7.83
N MET E 118 -31.78 -34.41 7.50
CA MET E 118 -30.90 -33.79 8.47
C MET E 118 -31.85 -33.09 9.44
N ASP E 119 -31.95 -33.66 10.64
CA ASP E 119 -32.86 -33.15 11.66
C ASP E 119 -32.36 -31.98 12.51
N VAL E 120 -31.51 -32.28 13.48
CA VAL E 120 -30.98 -31.23 14.35
C VAL E 120 -29.74 -30.62 13.68
N TRP E 121 -29.64 -29.28 13.75
CA TRP E 121 -28.50 -28.58 13.15
C TRP E 121 -27.79 -27.71 14.19
N GLY E 122 -26.47 -27.69 14.13
CA GLY E 122 -25.70 -26.87 15.04
C GLY E 122 -25.57 -25.48 14.44
N LYS E 123 -25.16 -24.51 15.25
CA LYS E 123 -24.98 -23.13 14.78
C LYS E 123 -23.76 -23.04 13.87
N GLY E 124 -22.87 -24.01 13.98
CA GLY E 124 -21.68 -24.02 13.14
C GLY E 124 -20.51 -23.22 13.70
N THR E 125 -19.32 -23.55 13.23
CA THR E 125 -18.10 -22.86 13.66
C THR E 125 -17.36 -22.47 12.38
N THR E 126 -16.69 -21.33 12.40
CA THR E 126 -16.00 -20.87 11.21
C THR E 126 -14.55 -21.31 11.11
N VAL E 127 -14.19 -21.78 9.93
CA VAL E 127 -12.84 -22.24 9.64
C VAL E 127 -12.31 -21.43 8.47
N THR E 128 -11.23 -20.68 8.70
CA THR E 128 -10.64 -19.85 7.66
C THR E 128 -9.24 -20.34 7.29
N VAL E 129 -9.08 -20.83 6.07
CA VAL E 129 -7.76 -21.29 5.65
C VAL E 129 -7.18 -20.20 4.74
N SER E 130 -6.28 -19.41 5.30
CA SER E 130 -5.67 -18.31 4.57
C SER E 130 -4.28 -17.96 5.10
N SER E 131 -3.50 -17.29 4.28
CA SER E 131 -2.15 -16.90 4.66
C SER E 131 -2.16 -15.47 5.24
N ALA E 132 -3.32 -14.82 5.19
CA ALA E 132 -3.44 -13.46 5.70
C ALA E 132 -3.28 -13.43 7.22
N SER E 133 -2.96 -12.26 7.74
CA SER E 133 -2.78 -12.06 9.18
C SER E 133 -3.09 -10.61 9.51
N THR E 134 -3.30 -10.33 10.80
CA THR E 134 -3.64 -9.00 11.29
C THR E 134 -2.95 -7.89 10.48
N LYS E 135 -3.77 -7.02 9.88
CA LYS E 135 -3.25 -5.94 9.05
C LYS E 135 -4.20 -4.74 9.03
N GLY E 136 -3.66 -3.56 9.31
CA GLY E 136 -4.46 -2.35 9.30
C GLY E 136 -4.78 -1.97 7.86
N PRO E 137 -5.80 -1.15 7.62
CA PRO E 137 -6.19 -0.74 6.27
C PRO E 137 -5.47 0.46 5.65
N SER E 138 -5.54 0.54 4.32
CA SER E 138 -4.99 1.66 3.55
C SER E 138 -6.25 2.42 3.19
N VAL E 139 -6.25 3.73 3.39
CA VAL E 139 -7.42 4.54 3.10
C VAL E 139 -7.18 5.52 1.98
N PHE E 140 -8.05 5.49 0.98
CA PHE E 140 -7.96 6.38 -0.18
C PHE E 140 -9.25 7.19 -0.30
N PRO E 141 -9.15 8.43 -0.81
CA PRO E 141 -10.35 9.23 -0.96
C PRO E 141 -11.18 8.80 -2.15
N LEU E 142 -12.50 8.87 -2.01
CA LEU E 142 -13.39 8.52 -3.10
C LEU E 142 -13.99 9.86 -3.52
N ALA E 143 -13.56 10.36 -4.67
CA ALA E 143 -14.05 11.62 -5.19
C ALA E 143 -14.55 11.44 -6.62
N PRO E 144 -15.57 12.22 -7.02
CA PRO E 144 -16.17 12.16 -8.35
C PRO E 144 -15.19 12.44 -9.48
N CYS E 145 -15.35 11.74 -10.59
CA CYS E 145 -14.48 11.91 -11.74
C CYS E 145 -14.69 13.34 -12.29
N SER E 146 -15.94 13.75 -12.40
CA SER E 146 -16.27 15.09 -12.90
C SER E 146 -16.51 16.09 -11.77
N ARG E 147 -16.22 17.36 -12.04
CA ARG E 147 -16.40 18.42 -11.06
C ARG E 147 -17.87 18.53 -10.69
N SER E 148 -18.15 18.70 -9.40
CA SER E 148 -19.52 18.81 -8.93
C SER E 148 -20.17 20.09 -9.45
N THR E 149 -21.45 20.01 -9.77
CA THR E 149 -22.19 21.17 -10.29
C THR E 149 -23.02 21.80 -9.17
N SER E 150 -23.05 23.13 -9.15
CA SER E 150 -23.81 23.86 -8.14
C SER E 150 -25.24 23.32 -8.13
N GLY E 151 -25.89 23.38 -6.96
CA GLY E 151 -27.25 22.87 -6.86
C GLY E 151 -27.24 21.36 -6.86
N GLY E 152 -28.14 20.75 -6.11
CA GLY E 152 -28.20 19.30 -6.04
C GLY E 152 -27.21 18.77 -5.02
N THR E 153 -26.96 17.47 -5.07
CA THR E 153 -26.05 16.84 -4.12
C THR E 153 -24.84 16.18 -4.78
N ALA E 154 -23.82 15.92 -3.98
CA ALA E 154 -22.61 15.27 -4.45
C ALA E 154 -22.28 14.14 -3.48
N ALA E 155 -21.60 13.12 -3.98
CA ALA E 155 -21.21 12.00 -3.15
C ALA E 155 -19.70 11.95 -3.03
N LEU E 156 -19.22 11.76 -1.81
CA LEU E 156 -17.78 11.67 -1.57
C LEU E 156 -17.59 10.63 -0.48
N GLY E 157 -16.41 10.04 -0.39
CA GLY E 157 -16.20 9.03 0.64
C GLY E 157 -14.80 8.50 0.78
N CYS E 158 -14.68 7.38 1.47
CA CYS E 158 -13.39 6.75 1.71
C CYS E 158 -13.41 5.28 1.36
N LEU E 159 -12.33 4.83 0.72
CA LEU E 159 -12.15 3.45 0.34
C LEU E 159 -11.20 2.90 1.39
N VAL E 160 -11.65 1.89 2.14
CA VAL E 160 -10.85 1.29 3.20
C VAL E 160 -10.35 -0.06 2.69
N LYS E 161 -9.10 -0.09 2.24
CA LYS E 161 -8.50 -1.29 1.66
C LYS E 161 -7.60 -2.17 2.49
N ASP E 162 -7.54 -3.43 2.07
CA ASP E 162 -6.69 -4.47 2.65
C ASP E 162 -6.52 -4.55 4.17
N TYR E 163 -7.58 -4.88 4.88
CA TYR E 163 -7.46 -5.02 6.31
C TYR E 163 -7.86 -6.43 6.74
N PHE E 164 -7.40 -6.84 7.91
CA PHE E 164 -7.72 -8.17 8.42
C PHE E 164 -7.42 -8.26 9.89
N PRO E 165 -8.36 -8.82 10.67
CA PRO E 165 -9.64 -9.33 10.18
C PRO E 165 -10.71 -8.28 10.43
N GLU E 166 -11.97 -8.64 10.30
CA GLU E 166 -13.06 -7.71 10.57
C GLU E 166 -13.06 -7.52 12.10
N PRO E 167 -13.65 -6.42 12.58
CA PRO E 167 -14.30 -5.38 11.78
C PRO E 167 -13.53 -4.06 11.74
N VAL E 168 -14.05 -3.15 10.94
CA VAL E 168 -13.50 -1.82 10.79
C VAL E 168 -14.69 -0.90 11.03
N THR E 169 -14.47 0.22 11.71
CA THR E 169 -15.56 1.17 11.93
C THR E 169 -15.18 2.46 11.22
N VAL E 170 -16.18 3.17 10.73
CA VAL E 170 -15.97 4.43 10.04
C VAL E 170 -16.95 5.47 10.56
N SER E 171 -16.44 6.63 10.93
CA SER E 171 -17.29 7.73 11.35
C SER E 171 -16.83 8.93 10.51
N TRP E 172 -17.66 9.95 10.44
CA TRP E 172 -17.29 11.13 9.67
C TRP E 172 -17.27 12.35 10.59
N ASN E 173 -16.22 13.14 10.46
CA ASN E 173 -16.04 14.31 11.29
C ASN E 173 -16.27 14.01 12.75
N SER E 174 -15.65 12.93 13.21
CA SER E 174 -15.70 12.52 14.60
C SER E 174 -17.10 12.21 15.15
N GLY E 175 -18.00 11.77 14.27
CA GLY E 175 -19.34 11.44 14.72
C GLY E 175 -20.33 12.59 14.58
N ALA E 176 -19.82 13.78 14.26
CA ALA E 176 -20.66 14.95 14.11
C ALA E 176 -21.50 14.91 12.82
N LEU E 177 -21.06 14.10 11.86
CA LEU E 177 -21.78 13.98 10.60
C LEU E 177 -22.38 12.59 10.49
N THR E 178 -23.71 12.50 10.43
CA THR E 178 -24.40 11.22 10.32
C THR E 178 -25.44 11.19 9.20
N SER E 179 -26.04 12.34 8.89
CA SER E 179 -27.03 12.37 7.83
C SER E 179 -26.35 12.22 6.49
N GLY E 180 -26.91 11.36 5.64
CA GLY E 180 -26.33 11.15 4.33
C GLY E 180 -25.12 10.23 4.33
N VAL E 181 -24.83 9.63 5.47
CA VAL E 181 -23.70 8.72 5.58
C VAL E 181 -24.12 7.28 5.36
N HIS E 182 -23.45 6.60 4.44
CA HIS E 182 -23.76 5.20 4.16
C HIS E 182 -22.46 4.40 4.06
N THR E 183 -22.25 3.50 5.02
CA THR E 183 -21.06 2.65 5.04
C THR E 183 -21.50 1.26 4.59
N PHE E 184 -20.84 0.75 3.55
CA PHE E 184 -21.19 -0.55 2.98
C PHE E 184 -20.46 -1.77 3.56
N PRO E 185 -21.14 -2.93 3.57
CA PRO E 185 -20.55 -4.17 4.08
C PRO E 185 -19.30 -4.47 3.25
N ALA E 186 -18.27 -5.00 3.89
CA ALA E 186 -17.01 -5.28 3.21
C ALA E 186 -17.03 -6.43 2.23
N VAL E 187 -16.14 -6.36 1.25
CA VAL E 187 -15.99 -7.39 0.25
C VAL E 187 -14.77 -8.21 0.67
N LEU E 188 -14.84 -9.53 0.49
CA LEU E 188 -13.73 -10.39 0.85
C LEU E 188 -12.91 -10.72 -0.40
N GLN E 189 -11.61 -10.45 -0.32
CA GLN E 189 -10.69 -10.70 -1.43
C GLN E 189 -10.13 -12.12 -1.33
N SER E 190 -9.64 -12.63 -2.45
CA SER E 190 -9.06 -13.98 -2.46
C SER E 190 -7.80 -14.03 -1.61
N SER E 191 -7.23 -12.87 -1.31
CA SER E 191 -6.02 -12.80 -0.51
C SER E 191 -6.34 -13.01 0.96
N GLY E 192 -7.63 -12.97 1.29
CA GLY E 192 -8.05 -13.16 2.67
C GLY E 192 -8.32 -11.83 3.36
N LEU E 193 -8.02 -10.73 2.66
CA LEU E 193 -8.22 -9.37 3.19
C LEU E 193 -9.54 -8.75 2.75
N TYR E 194 -10.10 -7.92 3.61
CA TYR E 194 -11.35 -7.24 3.31
C TYR E 194 -11.13 -5.79 2.91
N SER E 195 -12.14 -5.22 2.27
CA SER E 195 -12.14 -3.83 1.84
C SER E 195 -13.59 -3.37 1.86
N LEU E 196 -13.82 -2.12 2.20
CA LEU E 196 -15.17 -1.58 2.22
C LEU E 196 -15.13 -0.09 1.89
N SER E 197 -16.30 0.49 1.70
CA SER E 197 -16.39 1.90 1.37
C SER E 197 -17.46 2.62 2.16
N SER E 198 -17.20 3.87 2.48
CA SER E 198 -18.15 4.68 3.22
C SER E 198 -18.29 5.97 2.43
N VAL E 199 -19.52 6.31 2.08
CA VAL E 199 -19.77 7.53 1.33
C VAL E 199 -20.80 8.39 2.01
N VAL E 200 -20.72 9.68 1.76
CA VAL E 200 -21.66 10.62 2.34
C VAL E 200 -22.12 11.53 1.21
N THR E 201 -23.41 11.81 1.19
CA THR E 201 -23.95 12.70 0.17
C THR E 201 -24.16 14.02 0.87
N VAL E 202 -23.73 15.11 0.25
CA VAL E 202 -23.88 16.43 0.85
C VAL E 202 -24.29 17.43 -0.22
N PRO E 203 -24.82 18.59 0.18
CA PRO E 203 -25.23 19.62 -0.79
C PRO E 203 -24.01 20.04 -1.59
N SER E 204 -24.07 19.88 -2.92
CA SER E 204 -22.95 20.24 -3.78
C SER E 204 -22.52 21.69 -3.58
N SER E 205 -23.50 22.56 -3.34
CA SER E 205 -23.21 23.97 -3.12
C SER E 205 -22.75 24.20 -1.68
N SER E 206 -21.93 23.31 -1.17
CA SER E 206 -21.41 23.40 0.19
C SER E 206 -19.98 22.89 0.20
N LEU E 207 -19.51 22.46 -0.97
CA LEU E 207 -18.15 21.93 -1.08
C LEU E 207 -17.13 23.06 -1.01
N GLY E 208 -16.10 22.84 -0.19
CA GLY E 208 -15.05 23.83 -0.03
C GLY E 208 -15.35 24.82 1.10
N THR E 209 -16.58 24.78 1.62
CA THR E 209 -16.99 25.68 2.69
C THR E 209 -16.89 25.03 4.06
N GLN E 210 -16.66 23.72 4.07
CA GLN E 210 -16.50 22.97 5.31
C GLN E 210 -15.69 21.73 4.96
N THR E 211 -15.20 21.01 5.96
CA THR E 211 -14.39 19.84 5.67
C THR E 211 -15.09 18.52 5.98
N TYR E 212 -14.65 17.48 5.31
CA TYR E 212 -15.19 16.13 5.47
C TYR E 212 -14.02 15.20 5.69
N THR E 213 -13.99 14.58 6.87
CA THR E 213 -12.92 13.68 7.24
C THR E 213 -13.46 12.35 7.72
N CYS E 214 -13.03 11.25 7.10
CA CYS E 214 -13.50 9.96 7.56
C CYS E 214 -12.52 9.45 8.60
N ASN E 215 -13.06 8.94 9.69
CA ASN E 215 -12.25 8.41 10.79
C ASN E 215 -12.40 6.90 10.73
N VAL E 216 -11.35 6.23 10.30
CA VAL E 216 -11.35 4.78 10.17
C VAL E 216 -10.62 4.14 11.34
N ASN E 217 -11.30 3.21 12.01
CA ASN E 217 -10.70 2.56 13.16
C ASN E 217 -10.69 1.06 12.99
N HIS E 218 -9.50 0.47 13.08
CA HIS E 218 -9.36 -0.97 12.96
C HIS E 218 -8.79 -1.50 14.27
N LYS E 219 -9.67 -1.82 15.20
CA LYS E 219 -9.24 -2.30 16.51
C LYS E 219 -8.32 -3.50 16.53
N PRO E 220 -8.59 -4.53 15.69
CA PRO E 220 -7.71 -5.70 15.67
C PRO E 220 -6.21 -5.39 15.52
N SER E 221 -5.89 -4.38 14.72
CA SER E 221 -4.48 -4.01 14.53
C SER E 221 -4.19 -2.68 15.22
N ASN E 222 -5.15 -2.19 16.00
CA ASN E 222 -4.98 -0.92 16.68
C ASN E 222 -4.44 0.14 15.73
N THR E 223 -5.14 0.31 14.60
CA THR E 223 -4.79 1.29 13.60
C THR E 223 -5.94 2.28 13.49
N LYS E 224 -5.61 3.56 13.46
CA LYS E 224 -6.61 4.60 13.31
C LYS E 224 -6.14 5.52 12.19
N VAL E 225 -7.06 5.88 11.31
CA VAL E 225 -6.73 6.75 10.18
C VAL E 225 -7.78 7.84 10.01
N ASP E 226 -7.32 9.08 9.85
CA ASP E 226 -8.20 10.21 9.59
C ASP E 226 -7.75 10.75 8.24
N LYS E 227 -8.65 10.75 7.27
CA LYS E 227 -8.32 11.21 5.94
C LYS E 227 -9.34 12.23 5.46
N ARG E 228 -8.90 13.46 5.23
CA ARG E 228 -9.80 14.49 4.74
C ARG E 228 -10.04 14.23 3.25
N VAL E 229 -11.26 14.46 2.80
CA VAL E 229 -11.61 14.25 1.40
C VAL E 229 -12.06 15.60 0.82
N GLU E 230 -11.22 16.18 -0.01
CA GLU E 230 -11.52 17.48 -0.61
C GLU E 230 -11.93 17.33 -2.07
N LEU E 231 -13.10 17.86 -2.42
CA LEU E 231 -13.59 17.82 -3.79
C LEU E 231 -13.48 19.22 -4.35
N LYS E 232 -13.41 19.34 -5.66
CA LYS E 232 -13.31 20.65 -6.29
C LYS E 232 -14.62 21.40 -6.08
N THR E 233 -14.53 22.70 -5.80
CA THR E 233 -15.70 23.52 -5.58
C THR E 233 -16.44 23.79 -6.89
N PRO E 234 -17.78 23.65 -6.89
CA PRO E 234 -18.61 23.88 -8.08
C PRO E 234 -18.32 25.23 -8.73
N THR E 235 -18.26 25.24 -10.06
CA THR E 235 -17.98 26.47 -10.80
C THR E 235 -19.13 27.46 -10.67
N LYS F 1 -38.28 -55.58 9.17
CA LYS F 1 -39.66 -55.20 9.57
C LYS F 1 -39.86 -53.71 9.26
N GLY F 2 -38.75 -53.00 9.04
CA GLY F 2 -38.83 -51.59 8.73
C GLY F 2 -38.25 -51.26 7.36
N VAL F 3 -38.70 -50.15 6.78
CA VAL F 3 -38.23 -49.71 5.48
C VAL F 3 -37.53 -48.36 5.62
N ARG F 4 -36.23 -48.34 5.37
CA ARG F 4 -35.44 -47.12 5.47
C ARG F 4 -35.35 -46.36 4.15
N ILE F 5 -35.78 -45.11 4.17
CA ILE F 5 -35.75 -44.26 2.98
C ILE F 5 -34.73 -43.16 3.19
N GLY F 6 -33.60 -43.25 2.49
CA GLY F 6 -32.56 -42.24 2.63
C GLY F 6 -31.17 -42.76 2.30
N PRO F 7 -30.12 -41.94 2.51
CA PRO F 7 -28.74 -42.32 2.23
C PRO F 7 -28.23 -43.39 3.18
N GLY F 8 -27.60 -44.42 2.62
CA GLY F 8 -27.06 -45.49 3.44
C GLY F 8 -27.92 -46.75 3.43
N GLN F 9 -29.19 -46.59 3.08
CA GLN F 9 -30.13 -47.71 3.03
C GLN F 9 -30.70 -47.87 1.62
S SO4 G . -0.23 0.36 0.32
O1 SO4 G . -0.08 -0.12 -1.06
O2 SO4 G . -1.10 1.55 0.37
O3 SO4 G . -0.82 -0.71 1.14
O4 SO4 G . 1.09 0.71 0.87
#